data_9KOY
#
_entry.id   9KOY
#
_cell.length_a   158.610
_cell.length_b   158.610
_cell.length_c   84.075
_cell.angle_alpha   90.000
_cell.angle_beta   90.000
_cell.angle_gamma   90.000
#
_symmetry.space_group_name_H-M   'P 42 21 2'
#
loop_
_entity.id
_entity.type
_entity.pdbx_description
1 polymer '4-hydroxyphenylpyruvate dioxygenase'
2 non-polymer 'COBALT (II) ION'
3 non-polymer iptriazopyrid
4 non-polymer 'IODIDE ION'
5 water water
#
_entity_poly.entity_id   1
_entity_poly.type   'polypeptide(L)'
_entity_poly.pdbx_seq_one_letter_code
;APPTPTPTATTGAVSAAAAAGENAGFRLVGHRRFVRANPRSDRFQALAFHHVELWCADAASAAGRFAFALGAPLAARSDL
STGNSAHASLLLRSASVAFLFTAPYGGDHGVGADAATTASIPSFSPGAARRFAADHGLAVHAVALRVADAADAFRASVAA
GARPAFQPADLGGGFGLAEVELYGDVVLRFVSHPDGADAPFLPGFEGVSNPGAVDYGLRRFDHVVGNVPELAPVAAYISG
FTGFHEFAEFTAEDVGTAESGLNSVVLANNAETVLLPLNEPVHGTKRRSQIQTYLDHHGGPGVQHIALASDDVLGTLREM
RARSAMGGFEFLAPPPPNYYDGVRRRAGDVLSEEQINECQELGVLVDRDDQGVLLQIFTKPVGDRPTFFLEMIQRIGCME
KDESGQEYQKGGCGGFGKGNFSELFKSIEEYEKSLEAKQAPTVQGS
;
_entity_poly.pdbx_strand_id   A,B
#
# COMPACT_ATOMS: atom_id res chain seq x y z
N PHE A 34 -36.35 14.62 -7.35
CA PHE A 34 -36.32 15.04 -5.92
C PHE A 34 -37.76 15.38 -5.51
N VAL A 35 -38.57 14.32 -5.44
CA VAL A 35 -39.87 14.35 -4.78
C VAL A 35 -39.66 14.02 -3.29
N ARG A 36 -38.77 13.05 -3.02
CA ARG A 36 -38.25 12.72 -1.69
C ARG A 36 -39.10 11.62 -1.06
N ALA A 37 -40.07 11.07 -1.82
CA ALA A 37 -40.94 9.99 -1.34
C ALA A 37 -40.10 8.77 -1.00
N ASN A 38 -40.69 7.81 -0.27
CA ASN A 38 -40.02 6.57 0.07
C ASN A 38 -41.02 5.43 -0.01
N PRO A 39 -41.17 4.77 -1.19
CA PRO A 39 -42.11 3.64 -1.34
C PRO A 39 -41.76 2.26 -0.76
N ARG A 40 -40.66 2.18 -0.01
CA ARG A 40 -40.29 0.98 0.74
C ARG A 40 -40.30 -0.26 -0.16
N SER A 41 -39.74 -0.12 -1.37
CA SER A 41 -39.97 -1.07 -2.45
C SER A 41 -38.85 -2.10 -2.56
N ASP A 42 -37.95 -2.17 -1.55
CA ASP A 42 -36.87 -3.14 -1.55
C ASP A 42 -37.42 -4.53 -1.85
N ARG A 43 -36.77 -5.25 -2.78
CA ARG A 43 -37.16 -6.61 -3.13
C ARG A 43 -36.48 -7.61 -2.21
N PHE A 44 -35.56 -7.12 -1.37
CA PHE A 44 -34.80 -7.98 -0.48
C PHE A 44 -34.41 -7.15 0.75
N GLN A 45 -34.23 -7.84 1.88
CA GLN A 45 -33.96 -7.16 3.13
C GLN A 45 -32.48 -6.78 3.21
N ALA A 46 -32.19 -5.51 2.90
CA ALA A 46 -30.82 -5.00 2.91
C ALA A 46 -30.53 -4.32 4.24
N LEU A 47 -30.05 -5.09 5.22
CA LEU A 47 -29.95 -4.70 6.62
C LEU A 47 -28.91 -3.60 6.85
N ALA A 48 -27.83 -3.61 6.06
CA ALA A 48 -26.68 -2.74 6.29
C ALA A 48 -25.56 -3.06 5.31
N PHE A 49 -24.64 -2.09 5.17
CA PHE A 49 -23.34 -2.35 4.57
C PHE A 49 -22.59 -3.34 5.45
N HIS A 50 -21.85 -4.26 4.82
CA HIS A 50 -21.15 -5.32 5.53
C HIS A 50 -19.64 -5.07 5.39
N HIS A 51 -19.19 -4.90 4.14
CA HIS A 51 -17.81 -4.57 3.88
C HIS A 51 -17.67 -4.05 2.46
N VAL A 52 -16.47 -3.57 2.15
CA VAL A 52 -16.07 -3.29 0.78
C VAL A 52 -14.72 -3.94 0.49
N GLU A 53 -14.67 -4.71 -0.62
CA GLU A 53 -13.46 -5.43 -1.03
C GLU A 53 -12.78 -4.66 -2.16
N LEU A 54 -11.54 -4.25 -1.89
CA LEU A 54 -10.64 -3.75 -2.91
C LEU A 54 -9.76 -4.90 -3.38
N TRP A 55 -9.56 -4.98 -4.70
CA TRP A 55 -8.58 -5.89 -5.28
C TRP A 55 -7.33 -5.08 -5.60
N CYS A 56 -6.18 -5.77 -5.57
CA CYS A 56 -4.91 -5.24 -6.05
CA CYS A 56 -4.89 -5.24 -5.95
C CYS A 56 -3.95 -6.41 -6.23
N ALA A 57 -2.70 -6.13 -6.61
CA ALA A 57 -1.76 -7.20 -6.86
C ALA A 57 -1.10 -7.64 -5.54
N ASP A 58 -1.14 -6.76 -4.54
CA ASP A 58 -0.59 -7.06 -3.23
C ASP A 58 -1.40 -6.32 -2.16
N ALA A 59 -2.01 -7.13 -1.29
CA ALA A 59 -2.96 -6.65 -0.29
C ALA A 59 -2.23 -6.14 0.95
N ALA A 60 -1.02 -6.64 1.20
CA ALA A 60 -0.27 -6.31 2.41
C ALA A 60 -0.05 -4.80 2.51
N SER A 61 0.17 -4.19 1.33
CA SER A 61 0.67 -2.83 1.24
C SER A 61 -0.47 -1.82 1.35
N ALA A 62 -1.60 -2.10 0.70
CA ALA A 62 -2.75 -1.21 0.78
C ALA A 62 -3.40 -1.29 2.16
N ALA A 63 -3.59 -2.52 2.64
CA ALA A 63 -4.04 -2.75 4.00
C ALA A 63 -3.19 -1.96 4.99
N GLY A 64 -1.86 -2.10 4.84
CA GLY A 64 -0.91 -1.36 5.64
C GLY A 64 -1.24 0.12 5.66
N ARG A 65 -1.22 0.74 4.48
CA ARG A 65 -1.44 2.17 4.41
C ARG A 65 -2.81 2.52 4.96
N PHE A 66 -3.86 1.83 4.50
CA PHE A 66 -5.20 2.20 4.90
C PHE A 66 -5.35 2.17 6.41
N ALA A 67 -4.61 1.28 7.09
CA ALA A 67 -4.74 1.11 8.53
C ALA A 67 -4.23 2.35 9.25
N PHE A 68 -3.05 2.79 8.81
CA PHE A 68 -2.37 3.93 9.37
C PHE A 68 -3.16 5.20 9.08
N ALA A 69 -3.71 5.28 7.86
CA ALA A 69 -4.30 6.50 7.35
C ALA A 69 -5.70 6.72 7.89
N LEU A 70 -6.52 5.66 7.96
CA LEU A 70 -7.90 5.75 8.41
C LEU A 70 -8.04 5.44 9.90
N GLY A 71 -6.99 4.91 10.53
CA GLY A 71 -7.15 4.33 11.86
C GLY A 71 -8.15 3.17 11.83
N ALA A 72 -7.90 2.23 10.90
CA ALA A 72 -8.69 1.04 10.77
C ALA A 72 -7.75 -0.16 10.83
N PRO A 73 -7.42 -0.61 12.05
CA PRO A 73 -6.42 -1.66 12.23
C PRO A 73 -6.90 -3.03 11.77
N LEU A 74 -5.93 -3.87 11.42
CA LEU A 74 -6.19 -5.21 10.92
C LEU A 74 -7.00 -6.00 11.93
N ALA A 75 -8.08 -6.67 11.47
CA ALA A 75 -9.07 -7.32 12.35
C ALA A 75 -9.31 -8.79 11.99
N ALA A 76 -8.67 -9.24 10.90
CA ALA A 76 -8.96 -10.53 10.31
C ALA A 76 -8.08 -10.70 9.07
N ARG A 77 -7.67 -11.96 8.83
CA ARG A 77 -6.84 -12.33 7.68
C ARG A 77 -7.22 -13.73 7.20
N SER A 78 -7.14 -13.96 5.89
CA SER A 78 -7.16 -15.29 5.30
C SER A 78 -6.06 -15.36 4.25
N ASP A 79 -4.90 -15.86 4.66
CA ASP A 79 -3.76 -15.96 3.76
C ASP A 79 -3.25 -17.39 3.83
N LEU A 80 -2.02 -17.60 3.36
CA LEU A 80 -1.35 -18.90 3.40
C LEU A 80 -1.32 -19.39 4.84
N SER A 81 -1.20 -18.47 5.80
CA SER A 81 -1.12 -18.80 7.20
C SER A 81 -2.46 -19.29 7.75
N THR A 82 -3.55 -19.09 7.01
CA THR A 82 -4.83 -19.64 7.43
C THR A 82 -5.17 -20.89 6.63
N GLY A 83 -4.26 -21.33 5.74
CA GLY A 83 -4.50 -22.52 4.91
C GLY A 83 -5.06 -22.19 3.53
N ASN A 84 -5.28 -20.89 3.26
CA ASN A 84 -5.77 -20.39 1.98
C ASN A 84 -4.61 -20.23 1.01
N SER A 85 -4.64 -20.98 -0.08
CA SER A 85 -3.59 -20.97 -1.08
C SER A 85 -4.07 -20.23 -2.32
N ALA A 86 -5.32 -19.75 -2.29
CA ALA A 86 -5.94 -19.11 -3.44
C ALA A 86 -5.64 -17.62 -3.41
N HIS A 87 -6.11 -16.95 -2.35
CA HIS A 87 -6.00 -15.51 -2.26
C HIS A 87 -5.52 -15.09 -0.87
N ALA A 88 -4.91 -13.91 -0.83
CA ALA A 88 -4.51 -13.27 0.40
C ALA A 88 -5.50 -12.15 0.70
N SER A 89 -6.29 -12.35 1.75
CA SER A 89 -7.28 -11.37 2.11
C SER A 89 -6.96 -10.83 3.50
N LEU A 90 -6.88 -9.50 3.59
CA LEU A 90 -6.67 -8.80 4.84
C LEU A 90 -7.84 -7.85 5.07
N LEU A 91 -8.30 -7.75 6.32
CA LEU A 91 -9.49 -6.97 6.61
C LEU A 91 -9.20 -5.92 7.68
N LEU A 92 -9.41 -4.65 7.32
CA LEU A 92 -9.38 -3.54 8.25
C LEU A 92 -10.78 -3.29 8.79
N ARG A 93 -10.86 -3.03 10.10
CA ARG A 93 -12.12 -2.63 10.71
C ARG A 93 -11.85 -1.38 11.54
N SER A 94 -12.82 -0.46 11.51
CA SER A 94 -12.98 0.61 12.50
C SER A 94 -14.48 0.71 12.77
N ALA A 95 -14.90 0.17 13.90
CA ALA A 95 -16.32 -0.07 14.15
C ALA A 95 -16.90 -0.82 12.97
N SER A 96 -17.94 -0.25 12.33
CA SER A 96 -18.66 -0.94 11.28
C SER A 96 -17.88 -0.93 9.97
N VAL A 97 -17.10 0.14 9.76
CA VAL A 97 -16.30 0.27 8.55
C VAL A 97 -15.43 -0.98 8.42
N ALA A 98 -15.50 -1.63 7.25
CA ALA A 98 -14.79 -2.87 7.02
C ALA A 98 -14.21 -2.89 5.60
N PHE A 99 -12.91 -2.58 5.48
CA PHE A 99 -12.22 -2.53 4.20
C PHE A 99 -11.47 -3.84 4.00
N LEU A 100 -11.97 -4.69 3.10
CA LEU A 100 -11.30 -5.94 2.75
C LEU A 100 -10.32 -5.68 1.62
N PHE A 101 -9.09 -6.20 1.76
CA PHE A 101 -8.10 -6.18 0.70
C PHE A 101 -7.76 -7.60 0.30
N THR A 102 -7.89 -7.92 -1.00
CA THR A 102 -7.66 -9.28 -1.48
C THR A 102 -6.78 -9.26 -2.72
N ALA A 103 -5.88 -10.24 -2.83
CA ALA A 103 -5.00 -10.36 -3.98
C ALA A 103 -4.68 -11.81 -4.28
N PRO A 104 -4.41 -12.16 -5.54
CA PRO A 104 -4.03 -13.53 -5.89
C PRO A 104 -2.60 -13.94 -5.54
N TYR A 105 -2.42 -15.20 -5.10
CA TYR A 105 -1.10 -15.83 -5.02
C TYR A 105 -0.64 -16.26 -6.42
N GLY A 106 0.58 -16.80 -6.51
CA GLY A 106 1.17 -17.07 -7.81
C GLY A 106 0.82 -18.45 -8.34
N GLY A 107 0.68 -18.57 -9.68
CA GLY A 107 0.40 -19.85 -10.32
C GLY A 107 -0.24 -19.66 -11.68
N ALA A 115 -5.21 -26.80 -4.68
CA ALA A 115 -5.50 -25.38 -4.34
C ALA A 115 -6.95 -25.07 -4.72
N ALA A 116 -7.34 -23.78 -4.66
CA ALA A 116 -8.63 -23.26 -5.11
C ALA A 116 -9.77 -23.68 -4.20
N THR A 117 -9.66 -24.88 -3.62
CA THR A 117 -10.60 -25.41 -2.65
C THR A 117 -10.27 -24.84 -1.25
N THR A 118 -9.17 -24.07 -1.16
CA THR A 118 -8.73 -23.44 0.07
C THR A 118 -9.31 -22.04 0.22
N ALA A 119 -9.95 -21.51 -0.84
CA ALA A 119 -10.47 -20.15 -0.84
C ALA A 119 -11.58 -19.99 0.21
N SER A 120 -11.59 -18.83 0.87
CA SER A 120 -12.61 -18.51 1.84
C SER A 120 -13.64 -17.59 1.22
N ILE A 121 -13.23 -16.85 0.19
CA ILE A 121 -14.18 -16.15 -0.67
C ILE A 121 -14.23 -16.89 -2.01
N PRO A 122 -15.16 -17.86 -2.16
CA PRO A 122 -15.13 -18.76 -3.30
C PRO A 122 -15.62 -18.11 -4.60
N SER A 123 -15.98 -16.84 -4.53
CA SER A 123 -16.30 -16.07 -5.73
C SER A 123 -15.03 -15.63 -6.44
N PHE A 124 -13.88 -15.84 -5.78
CA PHE A 124 -12.64 -15.18 -6.16
C PHE A 124 -12.06 -15.82 -7.42
N SER A 125 -11.79 -14.98 -8.44
CA SER A 125 -11.20 -15.44 -9.69
C SER A 125 -9.82 -14.83 -9.92
N PRO A 126 -8.72 -15.60 -9.70
CA PRO A 126 -7.36 -15.08 -9.90
C PRO A 126 -7.20 -14.38 -11.25
N GLY A 127 -7.77 -14.97 -12.31
CA GLY A 127 -7.67 -14.42 -13.65
C GLY A 127 -8.32 -13.03 -13.71
N ALA A 128 -9.47 -12.91 -13.02
CA ALA A 128 -10.27 -11.70 -13.04
C ALA A 128 -9.68 -10.66 -12.11
N ALA A 129 -9.10 -11.13 -10.99
CA ALA A 129 -8.40 -10.27 -10.06
C ALA A 129 -7.20 -9.64 -10.77
N ARG A 130 -6.45 -10.46 -11.50
CA ARG A 130 -5.26 -9.94 -12.18
C ARG A 130 -5.67 -8.86 -13.17
N ARG A 131 -6.71 -9.12 -13.99
CA ARG A 131 -7.25 -8.15 -14.94
C ARG A 131 -7.60 -6.86 -14.21
N PHE A 132 -8.33 -7.00 -13.11
CA PHE A 132 -8.85 -5.84 -12.40
C PHE A 132 -7.71 -4.90 -12.03
N ALA A 133 -6.60 -5.45 -11.53
CA ALA A 133 -5.49 -4.64 -11.05
C ALA A 133 -4.77 -4.00 -12.22
N ALA A 134 -4.70 -4.75 -13.33
CA ALA A 134 -4.03 -4.28 -14.52
C ALA A 134 -4.83 -3.12 -15.10
N ASP A 135 -6.17 -3.25 -15.05
CA ASP A 135 -7.05 -2.26 -15.63
C ASP A 135 -7.12 -1.02 -14.74
N HIS A 136 -7.11 -1.18 -13.41
CA HIS A 136 -7.50 -0.08 -12.53
C HIS A 136 -6.39 0.27 -11.54
N GLY A 137 -5.75 -0.75 -10.96
CA GLY A 137 -4.88 -0.54 -9.82
C GLY A 137 -5.68 -0.62 -8.54
N LEU A 138 -5.51 0.34 -7.64
CA LEU A 138 -6.28 0.26 -6.41
C LEU A 138 -7.71 0.71 -6.68
N ALA A 139 -8.65 -0.24 -6.61
CA ALA A 139 -10.05 0.11 -6.79
C ALA A 139 -10.96 -0.94 -6.13
N VAL A 140 -12.21 -0.54 -5.93
CA VAL A 140 -13.17 -1.38 -5.25
C VAL A 140 -13.75 -2.38 -6.22
N HIS A 141 -13.63 -3.67 -5.88
CA HIS A 141 -14.15 -4.75 -6.70
C HIS A 141 -15.60 -5.06 -6.32
N ALA A 142 -15.89 -5.03 -5.01
CA ALA A 142 -17.20 -5.44 -4.53
C ALA A 142 -17.75 -4.47 -3.49
N VAL A 143 -19.07 -4.36 -3.45
CA VAL A 143 -19.77 -3.58 -2.46
C VAL A 143 -20.74 -4.52 -1.75
N ALA A 144 -20.48 -4.85 -0.49
CA ALA A 144 -21.22 -5.91 0.17
C ALA A 144 -22.29 -5.33 1.10
N LEU A 145 -23.48 -5.92 1.04
CA LEU A 145 -24.56 -5.61 1.97
C LEU A 145 -24.83 -6.87 2.78
N ARG A 146 -25.15 -6.68 4.06
CA ARG A 146 -25.64 -7.77 4.85
C ARG A 146 -27.14 -7.87 4.57
N VAL A 147 -27.62 -9.08 4.25
CA VAL A 147 -29.03 -9.27 3.97
C VAL A 147 -29.55 -10.40 4.83
N ALA A 148 -30.88 -10.60 4.78
CA ALA A 148 -31.55 -11.63 5.56
C ALA A 148 -31.11 -13.01 5.10
N ASP A 149 -31.39 -13.35 3.83
CA ASP A 149 -30.85 -14.55 3.21
C ASP A 149 -30.14 -14.13 1.92
N ALA A 150 -28.94 -14.66 1.70
CA ALA A 150 -28.18 -14.42 0.48
C ALA A 150 -28.83 -15.13 -0.72
N ALA A 151 -29.19 -16.41 -0.55
CA ALA A 151 -29.86 -17.14 -1.61
C ALA A 151 -31.04 -16.32 -2.13
N ASP A 152 -31.88 -15.82 -1.22
CA ASP A 152 -33.14 -15.20 -1.58
C ASP A 152 -32.94 -13.85 -2.28
N ALA A 153 -32.09 -13.00 -1.69
CA ALA A 153 -31.84 -11.67 -2.22
C ALA A 153 -31.32 -11.75 -3.65
N PHE A 154 -30.50 -12.76 -3.93
CA PHE A 154 -30.06 -13.07 -5.29
C PHE A 154 -31.29 -13.35 -6.15
N ARG A 155 -31.95 -14.49 -5.87
CA ARG A 155 -33.05 -14.99 -6.68
C ARG A 155 -34.01 -13.85 -7.02
N ALA A 156 -34.35 -13.05 -6.00
CA ALA A 156 -35.23 -11.89 -6.18
C ALA A 156 -34.56 -10.86 -7.08
N SER A 157 -33.24 -10.66 -6.90
CA SER A 157 -32.49 -9.70 -7.69
C SER A 157 -32.44 -10.14 -9.16
N VAL A 158 -31.96 -11.36 -9.41
CA VAL A 158 -31.79 -11.88 -10.75
C VAL A 158 -33.14 -11.85 -11.45
N ALA A 159 -34.17 -12.36 -10.74
CA ALA A 159 -35.53 -12.40 -11.23
C ALA A 159 -36.06 -11.02 -11.61
N ALA A 160 -35.56 -9.96 -10.94
CA ALA A 160 -35.97 -8.60 -11.24
C ALA A 160 -34.90 -7.87 -12.06
N GLY A 161 -34.13 -8.61 -12.87
CA GLY A 161 -33.32 -8.00 -13.90
C GLY A 161 -31.82 -8.26 -13.72
N ALA A 162 -31.35 -8.26 -12.47
CA ALA A 162 -29.93 -8.30 -12.16
C ALA A 162 -29.21 -9.35 -12.99
N ARG A 163 -27.99 -8.99 -13.41
CA ARG A 163 -27.09 -9.92 -14.09
C ARG A 163 -26.38 -10.74 -13.03
N PRO A 164 -26.45 -12.09 -13.05
CA PRO A 164 -25.75 -12.90 -12.06
C PRO A 164 -24.26 -12.68 -12.24
N ALA A 165 -23.50 -13.15 -11.25
CA ALA A 165 -22.07 -12.93 -11.13
C ALA A 165 -21.44 -14.06 -10.32
N PHE A 166 -22.06 -14.40 -9.17
CA PHE A 166 -21.62 -15.55 -8.38
C PHE A 166 -22.83 -16.24 -7.76
N GLN A 167 -22.95 -17.54 -8.04
CA GLN A 167 -24.11 -18.32 -7.67
C GLN A 167 -24.07 -18.61 -6.18
N PRO A 168 -25.17 -18.38 -5.43
CA PRO A 168 -25.19 -18.50 -3.97
C PRO A 168 -24.50 -19.76 -3.46
N ALA A 169 -23.84 -19.66 -2.30
CA ALA A 169 -23.18 -20.81 -1.70
C ALA A 169 -23.41 -20.80 -0.19
N ASP A 170 -23.23 -21.98 0.43
CA ASP A 170 -23.10 -22.08 1.88
C ASP A 170 -21.61 -22.12 2.19
N LEU A 171 -21.15 -21.14 2.98
CA LEU A 171 -19.76 -21.10 3.43
C LEU A 171 -19.65 -21.83 4.77
N GLY A 172 -20.69 -22.57 5.17
CA GLY A 172 -20.75 -23.14 6.50
C GLY A 172 -21.11 -22.07 7.53
N GLY A 173 -21.27 -22.47 8.80
CA GLY A 173 -21.66 -21.55 9.86
C GLY A 173 -23.06 -20.96 9.63
N GLY A 174 -23.68 -21.29 8.48
CA GLY A 174 -24.89 -20.63 8.04
C GLY A 174 -24.60 -19.23 7.47
N PHE A 175 -23.47 -19.12 6.75
CA PHE A 175 -23.11 -17.90 6.05
C PHE A 175 -23.47 -18.06 4.56
N GLY A 176 -24.10 -17.03 4.00
CA GLY A 176 -24.46 -16.99 2.58
C GLY A 176 -23.67 -15.93 1.83
N LEU A 177 -23.13 -16.30 0.66
CA LEU A 177 -22.48 -15.37 -0.24
C LEU A 177 -23.14 -15.44 -1.61
N ALA A 178 -23.40 -14.29 -2.21
CA ALA A 178 -23.96 -14.23 -3.55
C ALA A 178 -23.69 -12.85 -4.16
N GLU A 179 -23.39 -12.83 -5.45
CA GLU A 179 -23.00 -11.58 -6.10
C GLU A 179 -23.79 -11.36 -7.39
N VAL A 180 -24.23 -10.11 -7.57
CA VAL A 180 -24.72 -9.64 -8.86
C VAL A 180 -23.92 -8.41 -9.27
N GLU A 181 -23.87 -8.15 -10.58
CA GLU A 181 -23.11 -7.05 -11.12
C GLU A 181 -23.87 -5.75 -10.84
N LEU A 182 -23.11 -4.69 -10.60
CA LEU A 182 -23.67 -3.42 -10.20
C LEU A 182 -23.45 -2.39 -11.31
N TYR A 183 -22.18 -2.06 -11.52
CA TYR A 183 -21.76 -1.30 -12.67
C TYR A 183 -20.38 -1.81 -13.06
N GLY A 184 -20.14 -1.99 -14.36
CA GLY A 184 -18.83 -2.40 -14.86
C GLY A 184 -18.34 -3.70 -14.22
N ASP A 185 -17.09 -3.66 -13.75
CA ASP A 185 -16.47 -4.81 -13.10
C ASP A 185 -16.77 -4.82 -11.60
N VAL A 186 -17.55 -3.83 -11.12
CA VAL A 186 -17.94 -3.77 -9.72
C VAL A 186 -19.14 -4.67 -9.49
N VAL A 187 -19.10 -5.44 -8.39
CA VAL A 187 -20.17 -6.37 -8.07
C VAL A 187 -20.79 -5.97 -6.74
N LEU A 188 -22.04 -6.39 -6.57
CA LEU A 188 -22.79 -6.18 -5.34
C LEU A 188 -22.89 -7.53 -4.64
N ARG A 189 -22.15 -7.66 -3.54
CA ARG A 189 -22.08 -8.89 -2.78
C ARG A 189 -23.20 -8.89 -1.74
N PHE A 190 -23.81 -10.07 -1.55
CA PHE A 190 -24.79 -10.29 -0.50
C PHE A 190 -24.16 -11.22 0.53
N VAL A 191 -24.37 -10.91 1.81
CA VAL A 191 -23.83 -11.65 2.94
C VAL A 191 -24.92 -11.77 4.00
N SER A 192 -25.17 -13.00 4.43
CA SER A 192 -26.14 -13.27 5.48
C SER A 192 -25.45 -14.12 6.54
N HIS A 193 -25.76 -13.83 7.82
CA HIS A 193 -25.15 -14.57 8.92
C HIS A 193 -26.09 -14.57 10.13
N PRO A 194 -26.22 -15.71 10.83
CA PRO A 194 -27.02 -15.77 12.06
C PRO A 194 -26.44 -14.73 13.00
N ASP A 195 -27.33 -14.14 13.82
CA ASP A 195 -27.05 -12.89 14.51
C ASP A 195 -25.85 -13.05 15.46
N GLY A 196 -25.77 -14.19 16.15
CA GLY A 196 -24.66 -14.48 17.06
C GLY A 196 -23.38 -14.83 16.30
N ALA A 197 -23.33 -16.06 15.78
CA ALA A 197 -22.29 -16.58 14.87
C ALA A 197 -20.93 -16.66 15.57
N ASP A 198 -19.94 -17.21 14.85
CA ASP A 198 -18.55 -17.19 15.28
C ASP A 198 -17.76 -16.31 14.33
N ALA A 199 -17.12 -16.93 13.34
CA ALA A 199 -16.36 -16.20 12.34
C ALA A 199 -17.00 -14.82 12.24
N PRO A 200 -16.36 -13.77 12.81
CA PRO A 200 -16.99 -12.45 12.86
C PRO A 200 -17.10 -11.87 11.45
N PHE A 201 -16.18 -12.27 10.55
CA PHE A 201 -16.17 -11.75 9.19
C PHE A 201 -16.80 -12.78 8.25
N LEU A 202 -16.03 -13.83 7.93
CA LEU A 202 -16.45 -14.89 7.04
C LEU A 202 -15.75 -16.18 7.46
N PRO A 203 -16.37 -17.36 7.26
CA PRO A 203 -15.74 -18.63 7.62
C PRO A 203 -14.37 -18.73 6.96
N GLY A 204 -13.36 -19.12 7.76
CA GLY A 204 -12.01 -19.36 7.27
C GLY A 204 -11.06 -18.20 7.59
N PHE A 205 -11.63 -17.10 8.13
CA PHE A 205 -10.88 -15.91 8.49
C PHE A 205 -10.47 -16.02 9.95
N GLU A 206 -9.17 -15.85 10.22
CA GLU A 206 -8.65 -15.87 11.59
C GLU A 206 -8.59 -14.43 12.09
N GLY A 207 -9.24 -14.15 13.23
CA GLY A 207 -9.30 -12.81 13.79
C GLY A 207 -7.91 -12.24 14.12
N VAL A 208 -7.85 -10.91 14.27
CA VAL A 208 -6.61 -10.24 14.61
C VAL A 208 -6.90 -9.16 15.65
N SER A 209 -6.06 -9.10 16.68
CA SER A 209 -6.14 -8.10 17.73
C SER A 209 -4.73 -7.74 18.18
N ASN A 210 -4.11 -6.83 17.43
CA ASN A 210 -2.86 -6.22 17.86
C ASN A 210 -3.20 -5.35 19.06
N PRO A 211 -2.40 -5.40 20.15
CA PRO A 211 -2.52 -4.38 21.20
C PRO A 211 -1.69 -3.19 20.72
N GLY A 212 -2.12 -1.97 21.07
CA GLY A 212 -1.51 -0.76 20.53
C GLY A 212 -2.29 -0.25 19.33
N ALA A 213 -3.27 -1.05 18.90
CA ALA A 213 -4.16 -0.70 17.81
C ALA A 213 -5.20 0.30 18.30
N VAL A 214 -5.27 1.45 17.61
CA VAL A 214 -6.25 2.47 17.92
C VAL A 214 -6.97 2.84 16.64
N ASP A 215 -8.27 3.10 16.75
CA ASP A 215 -9.03 3.66 15.66
C ASP A 215 -8.99 5.17 15.79
N TYR A 216 -9.59 5.88 14.83
CA TYR A 216 -9.60 7.33 14.83
C TYR A 216 -11.02 7.87 14.87
N GLY A 217 -12.04 7.01 15.02
CA GLY A 217 -13.38 7.48 15.28
C GLY A 217 -14.38 7.22 14.16
N LEU A 218 -13.94 6.60 13.06
CA LEU A 218 -14.83 6.30 11.95
C LEU A 218 -15.80 5.21 12.37
N ARG A 219 -17.11 5.50 12.32
CA ARG A 219 -18.13 4.59 12.81
C ARG A 219 -18.68 3.76 11.65
N ARG A 220 -19.16 4.41 10.59
CA ARG A 220 -19.91 3.67 9.59
C ARG A 220 -19.60 4.19 8.18
N PHE A 221 -19.85 3.32 7.19
CA PHE A 221 -19.98 3.74 5.80
C PHE A 221 -21.27 4.53 5.62
N ASP A 222 -21.19 5.66 4.90
CA ASP A 222 -22.37 6.49 4.66
C ASP A 222 -22.92 6.26 3.26
N HIS A 223 -22.09 6.51 2.23
CA HIS A 223 -22.45 6.28 0.83
C HIS A 223 -21.26 5.80 0.00
N VAL A 224 -21.59 5.11 -1.09
CA VAL A 224 -20.64 4.49 -2.01
C VAL A 224 -21.04 4.84 -3.44
N VAL A 225 -20.27 5.74 -4.07
CA VAL A 225 -20.71 6.39 -5.30
C VAL A 225 -19.98 5.80 -6.50
N GLY A 226 -20.72 5.56 -7.59
CA GLY A 226 -20.15 5.03 -8.81
C GLY A 226 -20.27 6.00 -9.98
N ASN A 227 -19.16 6.25 -10.68
CA ASN A 227 -19.21 6.99 -11.92
C ASN A 227 -19.56 6.05 -13.08
N VAL A 228 -20.47 6.50 -13.93
CA VAL A 228 -20.93 5.72 -15.08
C VAL A 228 -21.06 6.66 -16.28
N PRO A 229 -20.97 6.12 -17.52
CA PRO A 229 -21.01 6.94 -18.74
C PRO A 229 -22.39 7.54 -19.00
N GLU A 230 -23.44 6.74 -18.77
CA GLU A 230 -24.83 7.16 -18.92
C GLU A 230 -25.60 6.68 -17.68
N LEU A 231 -26.33 7.59 -17.03
CA LEU A 231 -26.92 7.32 -15.73
C LEU A 231 -28.22 6.52 -15.84
N ALA A 232 -29.19 7.09 -16.58
CA ALA A 232 -30.53 6.55 -16.71
C ALA A 232 -30.54 5.01 -16.72
N PRO A 233 -29.93 4.32 -17.72
CA PRO A 233 -30.01 2.86 -17.78
C PRO A 233 -29.44 2.16 -16.55
N VAL A 234 -28.41 2.76 -15.93
CA VAL A 234 -27.76 2.15 -14.79
C VAL A 234 -28.69 2.31 -13.59
N ALA A 235 -29.17 3.56 -13.39
CA ALA A 235 -30.08 3.84 -12.29
C ALA A 235 -31.28 2.90 -12.36
N ALA A 236 -31.90 2.83 -13.53
CA ALA A 236 -33.03 1.93 -13.74
C ALA A 236 -32.67 0.49 -13.41
N TYR A 237 -31.48 0.03 -13.86
CA TYR A 237 -31.09 -1.36 -13.73
C TYR A 237 -31.13 -1.78 -12.27
N ILE A 238 -30.55 -0.94 -11.41
CA ILE A 238 -30.28 -1.27 -10.02
C ILE A 238 -31.60 -1.22 -9.24
N SER A 239 -32.26 -0.04 -9.23
CA SER A 239 -33.57 0.10 -8.60
C SER A 239 -34.51 -0.99 -9.09
N GLY A 240 -34.43 -1.28 -10.40
CA GLY A 240 -35.10 -2.43 -10.99
C GLY A 240 -34.95 -3.69 -10.14
N PHE A 241 -33.71 -4.01 -9.73
CA PHE A 241 -33.46 -5.33 -9.18
C PHE A 241 -33.41 -5.29 -7.66
N THR A 242 -32.95 -4.17 -7.08
CA THR A 242 -32.86 -4.05 -5.62
C THR A 242 -34.22 -3.64 -5.07
N GLY A 243 -34.96 -2.83 -5.83
CA GLY A 243 -36.15 -2.19 -5.34
C GLY A 243 -35.81 -0.91 -4.60
N PHE A 244 -34.53 -0.51 -4.67
CA PHE A 244 -34.13 0.73 -4.03
C PHE A 244 -34.91 1.87 -4.69
N HIS A 245 -35.13 2.92 -3.92
CA HIS A 245 -35.86 4.05 -4.43
C HIS A 245 -34.92 5.24 -4.49
N GLU A 246 -35.27 6.21 -5.33
CA GLU A 246 -34.56 7.48 -5.37
C GLU A 246 -34.73 8.20 -4.03
N PHE A 247 -33.63 8.74 -3.48
CA PHE A 247 -33.67 9.47 -2.23
C PHE A 247 -33.52 10.97 -2.51
N ALA A 248 -32.49 11.28 -3.29
CA ALA A 248 -32.20 12.64 -3.72
C ALA A 248 -31.69 12.60 -5.15
N GLU A 249 -31.40 13.77 -5.72
CA GLU A 249 -31.04 13.90 -7.12
C GLU A 249 -30.64 15.34 -7.39
N PHE A 250 -29.43 15.56 -7.91
CA PHE A 250 -29.01 16.89 -8.34
C PHE A 250 -28.49 16.77 -9.76
N THR A 251 -28.98 17.67 -10.64
CA THR A 251 -28.42 17.83 -11.98
C THR A 251 -27.26 18.83 -11.86
N ALA A 252 -26.88 19.49 -12.97
CA ALA A 252 -25.68 20.32 -13.01
C ALA A 252 -25.91 21.62 -13.79
N GLU A 253 -26.71 22.54 -13.21
CA GLU A 253 -26.78 23.92 -13.71
C GLU A 253 -25.74 24.77 -12.96
N ASP A 254 -25.76 24.70 -11.62
CA ASP A 254 -24.60 25.06 -10.80
C ASP A 254 -24.36 23.93 -9.80
N VAL A 255 -24.26 22.70 -10.34
CA VAL A 255 -23.78 21.53 -9.62
C VAL A 255 -22.80 20.81 -10.54
N GLY A 256 -21.67 21.48 -10.78
CA GLY A 256 -20.53 20.95 -11.51
C GLY A 256 -19.50 22.06 -11.68
N THR A 257 -18.20 21.75 -11.47
CA THR A 257 -17.13 22.74 -11.48
C THR A 257 -16.92 23.36 -12.87
N ALA A 258 -17.13 24.69 -12.99
CA ALA A 258 -16.80 25.51 -14.16
C ALA A 258 -17.77 25.29 -15.33
N GLU A 259 -17.24 24.91 -16.51
CA GLU A 259 -18.08 24.61 -17.67
C GLU A 259 -18.66 23.20 -17.56
N SER A 260 -17.80 22.21 -17.27
CA SER A 260 -18.19 20.83 -17.05
C SER A 260 -19.03 20.64 -15.79
N GLY A 261 -19.65 19.45 -15.61
CA GLY A 261 -20.39 19.14 -14.40
C GLY A 261 -20.89 17.69 -14.32
N LEU A 262 -21.78 17.40 -13.38
CA LEU A 262 -22.25 16.03 -13.16
C LEU A 262 -23.75 15.97 -12.91
N ASN A 263 -24.34 14.81 -13.23
CA ASN A 263 -25.74 14.52 -12.93
C ASN A 263 -25.79 13.36 -11.94
N SER A 264 -26.18 13.66 -10.69
CA SER A 264 -26.10 12.68 -9.61
C SER A 264 -27.50 12.18 -9.27
N VAL A 265 -27.62 10.87 -9.05
CA VAL A 265 -28.82 10.35 -8.44
C VAL A 265 -28.40 9.45 -7.29
N VAL A 266 -29.25 9.42 -6.24
CA VAL A 266 -29.01 8.64 -5.05
C VAL A 266 -30.09 7.58 -4.95
N LEU A 267 -29.67 6.33 -4.74
CA LEU A 267 -30.62 5.24 -4.55
C LEU A 267 -30.47 4.73 -3.12
N ALA A 268 -31.61 4.50 -2.47
CA ALA A 268 -31.67 4.22 -1.05
C ALA A 268 -32.45 2.93 -0.79
N ASN A 269 -32.07 2.23 0.29
CA ASN A 269 -32.81 1.09 0.77
C ASN A 269 -33.91 1.62 1.69
N ASN A 270 -34.85 0.75 2.08
CA ASN A 270 -36.11 1.15 2.70
C ASN A 270 -35.84 2.00 3.93
N ALA A 271 -34.85 1.58 4.72
CA ALA A 271 -34.50 2.24 5.97
C ALA A 271 -33.72 3.53 5.72
N GLU A 272 -33.33 3.80 4.46
CA GLU A 272 -32.41 4.89 4.14
C GLU A 272 -31.12 4.73 4.96
N THR A 273 -30.67 3.49 5.16
CA THR A 273 -29.40 3.25 5.85
C THR A 273 -28.30 3.08 4.81
N VAL A 274 -28.61 2.37 3.73
CA VAL A 274 -27.68 2.11 2.64
C VAL A 274 -27.98 3.02 1.45
N LEU A 275 -26.96 3.77 1.03
CA LEU A 275 -27.09 4.76 -0.02
C LEU A 275 -26.08 4.44 -1.10
N LEU A 276 -26.59 4.17 -2.30
CA LEU A 276 -25.76 3.89 -3.46
C LEU A 276 -26.08 4.95 -4.50
N PRO A 277 -25.41 6.12 -4.41
CA PRO A 277 -25.48 7.09 -5.48
C PRO A 277 -24.71 6.67 -6.74
N LEU A 278 -24.96 7.43 -7.81
CA LEU A 278 -24.36 7.27 -9.13
C LEU A 278 -24.16 8.66 -9.72
N ASN A 279 -22.98 8.90 -10.26
CA ASN A 279 -22.74 10.09 -11.07
C ASN A 279 -22.57 9.65 -12.53
N GLU A 280 -22.98 10.54 -13.43
CA GLU A 280 -22.64 10.49 -14.85
C GLU A 280 -22.13 11.88 -15.21
N PRO A 281 -21.42 12.05 -16.34
CA PRO A 281 -20.98 13.38 -16.73
C PRO A 281 -22.08 14.05 -17.54
N VAL A 282 -22.09 15.38 -17.53
CA VAL A 282 -23.05 16.10 -18.32
C VAL A 282 -22.47 16.20 -19.73
N HIS A 283 -23.30 15.88 -20.73
CA HIS A 283 -22.82 15.60 -22.06
C HIS A 283 -22.82 16.91 -22.82
N GLY A 284 -21.92 17.02 -23.81
CA GLY A 284 -21.88 18.17 -24.71
C GLY A 284 -21.48 19.47 -24.01
N THR A 285 -20.76 19.35 -22.88
CA THR A 285 -20.14 20.48 -22.21
C THR A 285 -18.93 20.93 -23.05
N LYS A 286 -18.34 22.08 -22.72
CA LYS A 286 -17.21 22.61 -23.47
C LYS A 286 -15.92 22.01 -22.91
N ARG A 287 -15.81 21.93 -21.57
CA ARG A 287 -14.68 21.30 -20.90
C ARG A 287 -15.09 19.91 -20.39
N ARG A 288 -14.09 19.13 -19.99
CA ARG A 288 -14.25 17.73 -19.56
C ARG A 288 -14.52 17.66 -18.05
N SER A 289 -15.54 16.85 -17.67
CA SER A 289 -15.87 16.55 -16.28
C SER A 289 -14.69 15.86 -15.59
N GLN A 290 -14.72 15.87 -14.25
CA GLN A 290 -13.83 15.03 -13.44
C GLN A 290 -14.46 13.64 -13.36
N ILE A 291 -15.75 13.55 -13.70
CA ILE A 291 -16.48 12.30 -13.81
C ILE A 291 -16.06 11.59 -15.09
N GLN A 292 -15.56 12.37 -16.05
CA GLN A 292 -15.04 11.85 -17.29
C GLN A 292 -13.56 11.52 -17.12
N THR A 293 -12.82 12.45 -16.48
CA THR A 293 -11.43 12.23 -16.08
C THR A 293 -11.32 10.90 -15.37
N TYR A 294 -12.30 10.61 -14.49
CA TYR A 294 -12.34 9.34 -13.80
C TYR A 294 -12.46 8.23 -14.84
N LEU A 295 -13.55 8.27 -15.59
CA LEU A 295 -13.89 7.20 -16.52
C LEU A 295 -12.72 6.88 -17.46
N ASP A 296 -12.02 7.94 -17.91
CA ASP A 296 -10.89 7.79 -18.81
C ASP A 296 -9.75 7.05 -18.10
N HIS A 297 -9.25 7.60 -16.98
CA HIS A 297 -8.05 7.09 -16.34
C HIS A 297 -8.30 5.74 -15.67
N HIS A 298 -9.56 5.47 -15.32
CA HIS A 298 -9.98 4.23 -14.69
C HIS A 298 -10.26 3.15 -15.74
N GLY A 299 -10.69 3.55 -16.94
CA GLY A 299 -10.91 2.59 -18.01
C GLY A 299 -12.31 2.00 -17.99
N GLY A 300 -13.24 2.62 -17.28
CA GLY A 300 -14.59 2.11 -17.24
C GLY A 300 -15.39 2.78 -16.15
N PRO A 301 -16.61 2.28 -15.88
CA PRO A 301 -17.31 2.62 -14.66
C PRO A 301 -16.59 2.00 -13.46
N GLY A 302 -16.82 2.62 -12.30
CA GLY A 302 -16.34 2.12 -11.03
C GLY A 302 -16.74 3.05 -9.89
N VAL A 303 -16.43 2.63 -8.67
CA VAL A 303 -16.62 3.39 -7.44
C VAL A 303 -15.70 4.61 -7.42
N GLN A 304 -16.29 5.80 -7.41
CA GLN A 304 -15.53 7.03 -7.37
C GLN A 304 -15.10 7.31 -5.93
N HIS A 305 -16.04 7.28 -4.99
CA HIS A 305 -15.71 7.65 -3.63
C HIS A 305 -16.58 6.88 -2.65
N ILE A 306 -16.07 6.77 -1.42
CA ILE A 306 -16.80 6.19 -0.31
C ILE A 306 -16.72 7.16 0.85
N ALA A 307 -17.87 7.42 1.46
CA ALA A 307 -17.92 8.35 2.57
C ALA A 307 -17.94 7.56 3.87
N LEU A 308 -16.98 7.90 4.73
CA LEU A 308 -16.81 7.28 6.03
C LEU A 308 -17.23 8.27 7.10
N ALA A 309 -18.29 7.93 7.85
CA ALA A 309 -18.90 8.88 8.77
C ALA A 309 -18.40 8.65 10.20
N SER A 310 -18.25 9.75 10.93
CA SER A 310 -17.71 9.75 12.28
C SER A 310 -18.66 10.54 13.18
N ASP A 311 -18.53 10.38 14.49
CA ASP A 311 -19.32 11.18 15.43
C ASP A 311 -18.54 12.39 15.90
N ASP A 312 -17.24 12.48 15.53
CA ASP A 312 -16.43 13.66 15.74
C ASP A 312 -15.38 13.75 14.64
N VAL A 313 -15.84 14.08 13.42
CA VAL A 313 -15.02 14.01 12.23
C VAL A 313 -13.83 14.96 12.36
N LEU A 314 -14.02 16.04 13.12
CA LEU A 314 -12.95 16.98 13.40
C LEU A 314 -11.83 16.27 14.15
N GLY A 315 -12.23 15.53 15.19
CA GLY A 315 -11.26 14.83 16.02
C GLY A 315 -10.54 13.79 15.16
N THR A 316 -11.35 13.03 14.41
CA THR A 316 -10.86 12.03 13.47
C THR A 316 -9.82 12.67 12.53
N LEU A 317 -10.19 13.83 11.96
CA LEU A 317 -9.39 14.49 10.94
C LEU A 317 -7.98 14.81 11.45
N ARG A 318 -7.88 15.23 12.72
CA ARG A 318 -6.61 15.55 13.35
C ARG A 318 -5.66 14.36 13.31
N GLU A 319 -6.21 13.17 13.62
CA GLU A 319 -5.39 11.97 13.65
C GLU A 319 -4.94 11.70 12.22
N MET A 320 -5.88 11.84 11.26
CA MET A 320 -5.67 11.45 9.88
C MET A 320 -4.60 12.32 9.21
N ARG A 321 -4.56 13.61 9.59
CA ARG A 321 -3.66 14.57 8.97
C ARG A 321 -2.26 14.46 9.56
N ALA A 322 -2.18 13.98 10.81
CA ALA A 322 -0.91 13.75 11.46
C ALA A 322 -0.16 12.67 10.69
N ARG A 323 -0.90 11.72 10.11
CA ARG A 323 -0.28 10.66 9.35
C ARG A 323 0.07 11.12 7.94
N SER A 324 -0.67 12.11 7.40
CA SER A 324 -0.44 12.62 6.06
C SER A 324 1.05 12.66 5.72
N ALA A 325 1.85 13.24 6.61
CA ALA A 325 3.23 13.58 6.29
C ALA A 325 4.14 12.37 6.15
N MET A 326 3.72 11.20 6.67
CA MET A 326 4.57 10.01 6.70
C MET A 326 3.89 8.81 6.03
N GLY A 327 3.01 9.06 5.05
CA GLY A 327 2.51 8.01 4.17
C GLY A 327 1.00 7.81 4.28
N GLY A 328 0.33 8.60 5.13
CA GLY A 328 -1.13 8.58 5.25
C GLY A 328 -1.81 9.13 3.99
N PHE A 329 -3.00 9.69 4.15
CA PHE A 329 -3.68 10.32 3.04
C PHE A 329 -3.42 11.82 3.12
N GLU A 330 -3.21 12.47 1.97
CA GLU A 330 -3.20 13.91 1.93
C GLU A 330 -4.58 14.36 1.46
N PHE A 331 -5.00 15.53 1.94
CA PHE A 331 -6.34 16.04 1.70
C PHE A 331 -6.27 17.18 0.68
N LEU A 332 -7.44 17.47 0.10
CA LEU A 332 -7.60 18.58 -0.83
C LEU A 332 -7.27 19.89 -0.13
N ALA A 333 -6.88 20.87 -0.94
CA ALA A 333 -6.43 22.15 -0.43
C ALA A 333 -7.52 22.81 0.40
N PRO A 334 -7.16 23.47 1.52
CA PRO A 334 -8.14 24.02 2.44
C PRO A 334 -8.86 25.09 1.64
N PRO A 335 -10.18 25.29 1.83
CA PRO A 335 -10.89 26.39 1.17
C PRO A 335 -10.32 27.71 1.66
N PRO A 336 -10.47 28.79 0.88
CA PRO A 336 -9.94 30.09 1.27
C PRO A 336 -10.81 30.72 2.36
N PRO A 337 -10.33 31.73 3.11
CA PRO A 337 -11.10 32.31 4.22
C PRO A 337 -12.53 32.74 3.92
N ASN A 338 -12.80 33.20 2.69
CA ASN A 338 -14.10 33.71 2.30
C ASN A 338 -15.16 32.64 2.50
N TYR A 339 -14.82 31.41 2.09
CA TYR A 339 -15.72 30.28 2.23
C TYR A 339 -16.35 30.31 3.61
N TYR A 340 -15.49 30.42 4.63
CA TYR A 340 -15.88 30.23 6.03
C TYR A 340 -16.68 31.44 6.50
N ASP A 341 -16.23 32.64 6.11
CA ASP A 341 -16.97 33.87 6.37
C ASP A 341 -18.43 33.62 5.97
N GLY A 342 -18.63 32.85 4.88
CA GLY A 342 -19.95 32.46 4.41
C GLY A 342 -20.65 31.39 5.24
N VAL A 343 -19.88 30.47 5.85
CA VAL A 343 -20.49 29.40 6.65
C VAL A 343 -20.86 29.98 8.00
N ARG A 344 -20.31 31.16 8.32
CA ARG A 344 -20.71 31.87 9.53
C ARG A 344 -22.08 32.51 9.33
N ARG A 345 -22.47 32.79 8.08
CA ARG A 345 -23.83 33.22 7.83
C ARG A 345 -24.72 31.99 7.76
N ARG A 346 -24.44 31.12 6.79
CA ARG A 346 -25.28 29.98 6.45
C ARG A 346 -25.61 29.16 7.70
N ALA A 347 -24.57 28.75 8.44
CA ALA A 347 -24.69 27.73 9.47
C ALA A 347 -24.26 28.24 10.86
N GLY A 348 -24.13 29.56 11.01
CA GLY A 348 -23.70 30.13 12.29
C GLY A 348 -24.76 30.00 13.36
N ASP A 349 -26.01 29.75 12.93
CA ASP A 349 -27.16 29.60 13.81
C ASP A 349 -27.13 28.27 14.58
N VAL A 350 -26.32 27.31 14.11
CA VAL A 350 -26.35 25.95 14.62
C VAL A 350 -24.94 25.47 14.96
N LEU A 351 -23.93 26.13 14.40
CA LEU A 351 -22.55 25.86 14.75
C LEU A 351 -22.03 26.98 15.64
N SER A 352 -21.24 26.59 16.65
CA SER A 352 -20.54 27.55 17.50
C SER A 352 -19.35 28.13 16.74
N GLU A 353 -18.84 29.27 17.21
CA GLU A 353 -17.72 29.93 16.57
C GLU A 353 -16.45 29.15 16.90
N GLU A 354 -16.49 28.38 17.99
CA GLU A 354 -15.35 27.54 18.36
C GLU A 354 -15.30 26.35 17.43
N GLN A 355 -16.47 25.86 16.99
CA GLN A 355 -16.58 24.76 16.05
C GLN A 355 -16.08 25.17 14.68
N ILE A 356 -16.65 26.28 14.17
CA ILE A 356 -16.38 26.83 12.85
C ILE A 356 -14.90 27.17 12.72
N ASN A 357 -14.29 27.70 13.79
CA ASN A 357 -12.89 28.07 13.77
C ASN A 357 -12.01 26.82 13.66
N GLU A 358 -12.55 25.68 14.12
CA GLU A 358 -11.90 24.39 14.01
C GLU A 358 -12.10 23.82 12.61
N CYS A 359 -13.37 23.77 12.16
CA CYS A 359 -13.71 23.42 10.78
C CYS A 359 -12.77 24.12 9.80
N GLN A 360 -12.46 25.40 10.07
CA GLN A 360 -11.55 26.16 9.24
C GLN A 360 -10.11 25.68 9.39
N GLU A 361 -9.63 25.47 10.63
CA GLU A 361 -8.24 25.06 10.84
C GLU A 361 -7.97 23.73 10.11
N LEU A 362 -9.03 22.99 9.78
CA LEU A 362 -8.92 21.63 9.26
C LEU A 362 -9.51 21.51 7.85
N GLY A 363 -9.80 22.63 7.19
CA GLY A 363 -10.24 22.58 5.81
C GLY A 363 -11.57 21.86 5.58
N VAL A 364 -12.38 21.76 6.64
CA VAL A 364 -13.65 21.05 6.57
C VAL A 364 -14.69 21.95 5.88
N LEU A 365 -15.48 21.31 5.01
CA LEU A 365 -16.57 21.96 4.30
C LEU A 365 -17.83 21.76 5.10
N VAL A 366 -18.80 22.67 4.91
CA VAL A 366 -20.03 22.70 5.68
C VAL A 366 -21.21 22.87 4.73
N ASP A 367 -22.31 22.16 5.00
CA ASP A 367 -23.51 22.29 4.20
C ASP A 367 -24.74 21.98 5.06
N ARG A 368 -25.87 22.62 4.73
CA ARG A 368 -27.14 22.40 5.40
C ARG A 368 -28.14 21.80 4.42
N ASP A 369 -29.12 21.05 4.94
CA ASP A 369 -30.28 20.60 4.19
C ASP A 369 -31.50 21.28 4.79
N ASP A 370 -32.69 20.71 4.54
CA ASP A 370 -33.94 21.14 5.17
C ASP A 370 -33.78 21.29 6.68
N GLN A 371 -33.12 20.32 7.35
CA GLN A 371 -33.13 20.23 8.81
C GLN A 371 -31.85 19.63 9.39
N GLY A 372 -30.67 20.02 8.90
CA GLY A 372 -29.46 19.36 9.36
C GLY A 372 -28.18 19.93 8.79
N VAL A 373 -27.05 19.35 9.21
CA VAL A 373 -25.75 19.91 8.90
C VAL A 373 -24.77 18.78 8.58
N LEU A 374 -24.10 18.92 7.43
CA LEU A 374 -23.11 17.98 6.95
C LEU A 374 -21.72 18.60 7.06
N LEU A 375 -20.83 17.91 7.77
CA LEU A 375 -19.42 18.23 7.73
C LEU A 375 -18.77 17.26 6.75
N GLN A 376 -17.71 17.72 6.08
CA GLN A 376 -17.32 17.12 4.82
C GLN A 376 -15.89 17.51 4.47
N ILE A 377 -15.06 16.50 4.16
CA ILE A 377 -13.70 16.71 3.69
C ILE A 377 -13.43 15.64 2.65
N PHE A 378 -12.59 15.94 1.66
CA PHE A 378 -12.24 14.96 0.65
C PHE A 378 -10.73 14.74 0.66
N THR A 379 -10.32 13.46 0.53
CA THR A 379 -8.92 13.10 0.35
C THR A 379 -8.53 13.40 -1.10
N LYS A 380 -7.22 13.53 -1.32
CA LYS A 380 -6.68 13.45 -2.66
C LYS A 380 -6.80 12.02 -3.13
N PRO A 381 -6.83 11.77 -4.45
CA PRO A 381 -6.68 10.42 -4.98
C PRO A 381 -5.78 9.54 -4.13
N VAL A 382 -6.32 8.37 -3.80
CA VAL A 382 -5.82 7.49 -2.76
C VAL A 382 -4.81 6.50 -3.34
N GLY A 383 -5.02 6.12 -4.62
CA GLY A 383 -4.10 5.29 -5.37
C GLY A 383 -3.24 6.16 -6.29
N ASP A 384 -2.86 5.60 -7.46
CA ASP A 384 -1.89 6.21 -8.38
C ASP A 384 -2.57 7.10 -9.42
N ARG A 385 -3.79 6.73 -9.78
CA ARG A 385 -4.53 7.45 -10.80
C ARG A 385 -5.51 8.41 -10.13
N PRO A 386 -5.82 9.54 -10.79
CA PRO A 386 -6.87 10.45 -10.32
C PRO A 386 -8.25 9.81 -10.53
N THR A 387 -8.57 8.83 -9.66
CA THR A 387 -9.80 8.07 -9.74
C THR A 387 -10.46 8.00 -8.35
N PHE A 388 -10.19 6.93 -7.60
CA PHE A 388 -10.81 6.68 -6.30
C PHE A 388 -10.32 7.66 -5.24
N PHE A 389 -11.22 8.13 -4.37
CA PHE A 389 -10.89 8.99 -3.25
C PHE A 389 -11.90 8.71 -2.15
N LEU A 390 -11.62 9.16 -0.92
CA LEU A 390 -12.49 8.92 0.22
C LEU A 390 -13.08 10.24 0.71
N GLU A 391 -14.22 10.14 1.42
CA GLU A 391 -14.93 11.29 1.96
C GLU A 391 -15.19 11.02 3.43
N MET A 392 -14.72 11.93 4.31
CA MET A 392 -14.92 11.82 5.75
C MET A 392 -16.01 12.80 6.16
N ILE A 393 -17.04 12.31 6.85
CA ILE A 393 -18.18 13.17 7.17
C ILE A 393 -18.62 13.02 8.62
N GLN A 394 -19.46 13.97 9.03
CA GLN A 394 -20.28 13.89 10.23
C GLN A 394 -21.64 14.49 9.90
N ARG A 395 -22.71 13.84 10.37
CA ARG A 395 -24.07 14.35 10.19
C ARG A 395 -24.62 14.85 11.53
N ILE A 396 -25.03 16.13 11.56
CA ILE A 396 -25.57 16.75 12.76
C ILE A 396 -27.03 17.10 12.53
N GLY A 397 -27.93 16.42 13.26
CA GLY A 397 -29.31 16.85 13.39
C GLY A 397 -30.29 15.73 13.05
N CYS A 398 -31.39 16.09 12.38
CA CYS A 398 -32.46 15.18 11.97
C CYS A 398 -32.48 13.93 12.84
N MET A 399 -33.00 14.07 14.07
CA MET A 399 -33.25 12.93 14.95
C MET A 399 -34.73 12.96 15.36
N GLU A 400 -35.52 12.07 14.73
CA GLU A 400 -36.96 12.00 14.90
C GLU A 400 -37.29 10.89 15.90
N LYS A 401 -38.57 10.80 16.26
CA LYS A 401 -39.08 9.89 17.29
C LYS A 401 -40.08 8.92 16.68
N ASP A 402 -40.16 7.69 17.22
CA ASP A 402 -41.00 6.61 16.68
C ASP A 402 -42.39 6.67 17.32
N GLU A 403 -43.10 5.52 17.38
CA GLU A 403 -44.47 5.44 17.86
C GLU A 403 -44.53 5.21 19.38
N SER A 404 -43.37 4.90 20.01
CA SER A 404 -43.25 4.85 21.45
C SER A 404 -42.37 6.01 21.97
N GLY A 405 -41.96 6.91 21.06
CA GLY A 405 -41.17 8.09 21.41
C GLY A 405 -39.68 7.77 21.57
N GLN A 406 -39.11 6.99 20.63
CA GLN A 406 -37.69 6.66 20.57
C GLN A 406 -37.02 7.42 19.42
N GLU A 407 -35.88 8.07 19.69
CA GLU A 407 -35.21 8.89 18.70
C GLU A 407 -34.33 8.05 17.76
N TYR A 408 -34.54 8.21 16.44
CA TYR A 408 -33.66 7.63 15.41
C TYR A 408 -32.99 8.78 14.65
N GLN A 409 -31.88 8.47 13.97
CA GLN A 409 -31.11 9.42 13.16
C GLN A 409 -31.49 9.23 11.69
N LYS A 410 -32.21 10.21 11.13
CA LYS A 410 -32.55 10.23 9.71
C LYS A 410 -31.26 10.24 8.89
N GLY A 411 -31.10 9.21 8.06
CA GLY A 411 -29.93 9.10 7.21
C GLY A 411 -30.01 10.15 6.11
N GLY A 412 -28.84 10.68 5.73
CA GLY A 412 -28.77 11.73 4.74
C GLY A 412 -29.01 13.10 5.37
N CYS A 413 -28.91 13.16 6.70
CA CYS A 413 -29.13 14.41 7.41
C CYS A 413 -28.01 15.40 7.06
N GLY A 414 -28.32 16.38 6.21
CA GLY A 414 -27.36 17.39 5.78
C GLY A 414 -27.12 17.33 4.27
N GLY A 415 -27.68 16.30 3.63
CA GLY A 415 -27.54 16.11 2.20
C GLY A 415 -26.18 15.50 1.87
N PHE A 416 -25.60 15.89 0.73
CA PHE A 416 -24.33 15.36 0.33
C PHE A 416 -23.38 16.47 -0.10
N GLY A 417 -23.73 17.74 0.19
CA GLY A 417 -22.80 18.86 0.06
C GLY A 417 -22.68 19.43 -1.35
N LYS A 418 -23.74 19.22 -2.15
CA LYS A 418 -23.95 19.81 -3.46
C LYS A 418 -23.66 21.32 -3.47
N GLY A 419 -23.96 21.99 -2.35
CA GLY A 419 -23.72 23.41 -2.25
C GLY A 419 -22.24 23.78 -2.36
N ASN A 420 -21.35 22.86 -1.97
CA ASN A 420 -19.95 23.18 -1.81
C ASN A 420 -19.23 23.26 -3.16
N PHE A 421 -19.77 22.54 -4.15
CA PHE A 421 -19.31 22.71 -5.52
C PHE A 421 -19.37 24.20 -5.85
N SER A 422 -20.58 24.75 -5.81
CA SER A 422 -20.83 26.14 -6.20
C SER A 422 -20.08 27.10 -5.28
N GLU A 423 -20.13 26.83 -3.96
CA GLU A 423 -19.66 27.76 -2.94
C GLU A 423 -18.13 27.78 -2.87
N LEU A 424 -17.49 26.69 -3.29
CA LEU A 424 -16.03 26.67 -3.34
C LEU A 424 -15.57 27.52 -4.50
N PHE A 425 -16.14 27.25 -5.68
CA PHE A 425 -15.77 27.95 -6.91
C PHE A 425 -15.83 29.47 -6.73
N LYS A 426 -16.93 29.98 -6.17
CA LYS A 426 -17.14 31.41 -6.14
C LYS A 426 -16.23 32.05 -5.08
N SER A 427 -15.97 31.32 -3.98
CA SER A 427 -15.03 31.78 -2.97
C SER A 427 -13.59 31.66 -3.47
N ILE A 428 -13.28 30.59 -4.22
CA ILE A 428 -11.99 30.41 -4.86
C ILE A 428 -11.72 31.58 -5.81
N GLU A 429 -12.76 32.04 -6.52
CA GLU A 429 -12.64 33.12 -7.49
C GLU A 429 -12.56 34.47 -6.80
N GLU A 430 -13.48 34.72 -5.85
CA GLU A 430 -13.49 35.93 -5.04
C GLU A 430 -12.19 36.07 -4.24
N TYR A 431 -11.51 34.96 -3.95
CA TYR A 431 -10.24 35.02 -3.25
C TYR A 431 -9.22 35.73 -4.14
N GLU A 432 -9.17 35.28 -5.40
CA GLU A 432 -8.13 35.64 -6.36
C GLU A 432 -8.26 37.11 -6.77
N LYS A 433 -9.50 37.61 -6.86
CA LYS A 433 -9.75 39.01 -7.14
C LYS A 433 -9.30 39.84 -5.94
N SER A 434 -9.44 39.28 -4.73
CA SER A 434 -8.99 39.92 -3.51
C SER A 434 -7.46 40.03 -3.47
N LEU A 435 -6.77 39.46 -4.46
CA LEU A 435 -5.32 39.50 -4.56
C LEU A 435 -4.87 40.41 -5.70
N GLU A 436 -5.82 41.19 -6.25
CA GLU A 436 -5.56 42.10 -7.36
C GLU A 436 -4.92 41.33 -8.53
N ASN B 38 41.42 -9.41 -1.60
CA ASN B 38 40.73 -8.33 -2.37
C ASN B 38 41.35 -8.27 -3.76
N PRO B 39 40.95 -9.18 -4.68
CA PRO B 39 41.44 -9.16 -6.06
C PRO B 39 41.53 -7.80 -6.77
N ARG B 40 40.49 -6.98 -6.67
CA ARG B 40 40.43 -5.66 -7.29
C ARG B 40 40.22 -5.80 -8.82
N SER B 41 39.17 -6.53 -9.23
CA SER B 41 39.00 -6.88 -10.64
C SER B 41 37.80 -6.15 -11.29
N ASP B 42 37.14 -5.23 -10.57
CA ASP B 42 35.99 -4.50 -11.10
C ASP B 42 36.23 -4.09 -12.55
N ARG B 43 35.28 -4.44 -13.43
CA ARG B 43 35.42 -4.18 -14.85
C ARG B 43 34.86 -2.81 -15.20
N PHE B 44 34.09 -2.23 -14.28
CA PHE B 44 33.58 -0.88 -14.45
C PHE B 44 33.82 -0.16 -13.14
N GLN B 45 33.53 1.13 -13.11
CA GLN B 45 33.61 1.91 -11.89
C GLN B 45 32.33 1.70 -11.09
N ALA B 46 32.37 0.86 -10.04
CA ALA B 46 31.18 0.61 -9.24
C ALA B 46 31.23 1.44 -7.96
N LEU B 47 30.51 2.56 -7.94
CA LEU B 47 30.68 3.56 -6.88
C LEU B 47 29.88 3.17 -5.64
N ALA B 48 28.58 2.92 -5.81
CA ALA B 48 27.69 2.70 -4.68
C ALA B 48 26.29 2.34 -5.17
N PHE B 49 25.47 1.86 -4.24
CA PHE B 49 24.06 1.63 -4.48
C PHE B 49 23.38 2.98 -4.70
N HIS B 50 22.63 3.10 -5.80
CA HIS B 50 21.94 4.34 -6.13
C HIS B 50 20.52 4.24 -5.61
N HIS B 51 19.84 3.15 -5.99
CA HIS B 51 18.48 2.90 -5.56
C HIS B 51 18.14 1.43 -5.82
N VAL B 52 17.03 1.02 -5.19
CA VAL B 52 16.35 -0.22 -5.52
C VAL B 52 14.94 0.16 -5.99
N GLU B 53 14.50 -0.44 -7.11
CA GLU B 53 13.20 -0.11 -7.69
C GLU B 53 12.30 -1.34 -7.63
N LEU B 54 11.07 -1.11 -7.13
CA LEU B 54 10.05 -2.13 -6.99
C LEU B 54 8.92 -1.84 -7.97
N TRP B 55 8.36 -2.89 -8.57
CA TRP B 55 7.22 -2.81 -9.46
C TRP B 55 6.01 -3.44 -8.76
N CYS B 56 4.93 -2.64 -8.64
CA CYS B 56 3.65 -3.13 -8.17
CA CYS B 56 3.65 -3.17 -8.18
C CYS B 56 2.57 -2.63 -9.13
N ALA B 57 1.30 -2.87 -8.80
CA ALA B 57 0.22 -2.37 -9.64
C ALA B 57 -0.18 -0.96 -9.20
N ASP B 58 0.43 -0.50 -8.09
CA ASP B 58 0.07 0.74 -7.43
C ASP B 58 1.20 1.14 -6.49
N ALA B 59 1.92 2.22 -6.83
CA ALA B 59 3.07 2.69 -6.09
C ALA B 59 2.63 3.48 -4.85
N ALA B 60 1.50 4.20 -4.96
CA ALA B 60 1.00 5.00 -3.85
C ALA B 60 1.03 4.20 -2.55
N SER B 61 0.52 2.96 -2.63
CA SER B 61 0.16 2.19 -1.46
C SER B 61 1.39 1.60 -0.78
N ALA B 62 2.33 1.06 -1.56
CA ALA B 62 3.54 0.47 -0.99
C ALA B 62 4.46 1.59 -0.56
N ALA B 63 4.53 2.64 -1.39
CA ALA B 63 5.36 3.78 -1.06
C ALA B 63 4.82 4.45 0.21
N GLY B 64 3.50 4.46 0.37
CA GLY B 64 2.87 5.03 1.55
C GLY B 64 3.17 4.19 2.80
N ARG B 65 3.12 2.86 2.67
CA ARG B 65 3.35 1.97 3.79
C ARG B 65 4.84 1.92 4.15
N PHE B 66 5.70 1.52 3.20
CA PHE B 66 7.13 1.46 3.46
C PHE B 66 7.60 2.76 4.12
N ALA B 67 6.92 3.87 3.80
CA ALA B 67 7.31 5.18 4.29
C ALA B 67 7.31 5.21 5.81
N PHE B 68 6.20 4.83 6.43
CA PHE B 68 6.10 4.96 7.88
C PHE B 68 6.57 3.68 8.56
N ALA B 69 6.73 2.57 7.83
CA ALA B 69 7.28 1.36 8.41
C ALA B 69 8.79 1.51 8.61
N LEU B 70 9.47 2.16 7.66
CA LEU B 70 10.93 2.30 7.67
C LEU B 70 11.39 3.66 8.18
N GLY B 71 10.50 4.66 8.16
CA GLY B 71 10.90 6.05 8.34
C GLY B 71 11.71 6.54 7.15
N ALA B 72 11.06 6.57 5.99
CA ALA B 72 11.69 6.94 4.73
C ALA B 72 10.69 7.83 4.02
N PRO B 73 10.71 9.15 4.30
CA PRO B 73 9.72 10.07 3.73
C PRO B 73 9.84 10.19 2.22
N LEU B 74 8.70 10.36 1.56
CA LEU B 74 8.66 10.60 0.13
C LEU B 74 9.59 11.77 -0.21
N ALA B 75 10.50 11.55 -1.16
CA ALA B 75 11.57 12.50 -1.44
C ALA B 75 11.55 13.01 -2.88
N ALA B 76 10.68 12.43 -3.72
CA ALA B 76 10.66 12.72 -5.14
C ALA B 76 9.59 11.90 -5.84
N ARG B 77 8.86 12.53 -6.78
CA ARG B 77 7.83 11.85 -7.54
C ARG B 77 8.02 12.13 -9.04
N SER B 78 7.40 11.24 -9.83
CA SER B 78 7.38 11.33 -11.28
C SER B 78 6.13 10.59 -11.76
N ASP B 79 5.08 11.35 -12.04
CA ASP B 79 3.77 10.77 -12.28
C ASP B 79 3.01 11.78 -13.13
N LEU B 80 1.68 11.66 -13.17
CA LEU B 80 0.86 12.64 -13.89
C LEU B 80 1.28 14.05 -13.48
N SER B 81 1.30 14.34 -12.18
CA SER B 81 1.44 15.73 -11.76
C SER B 81 2.79 16.30 -12.18
N THR B 82 3.69 15.49 -12.74
CA THR B 82 4.96 15.99 -13.26
C THR B 82 5.03 15.86 -14.78
N GLY B 83 3.94 15.42 -15.41
CA GLY B 83 3.86 15.38 -16.86
C GLY B 83 4.25 14.02 -17.45
N ASN B 84 4.54 13.05 -16.56
CA ASN B 84 4.80 11.67 -16.93
C ASN B 84 3.47 10.91 -16.95
N SER B 85 3.01 10.53 -18.14
CA SER B 85 1.81 9.72 -18.28
C SER B 85 2.17 8.27 -18.58
N ALA B 86 3.47 7.99 -18.70
CA ALA B 86 3.96 6.63 -18.95
C ALA B 86 3.77 5.75 -17.72
N HIS B 87 4.35 6.17 -16.59
CA HIS B 87 4.32 5.42 -15.35
C HIS B 87 4.31 6.36 -14.15
N ALA B 88 4.04 5.79 -12.97
CA ALA B 88 3.92 6.51 -11.71
C ALA B 88 5.00 6.01 -10.76
N SER B 89 5.99 6.87 -10.49
CA SER B 89 7.13 6.51 -9.66
C SER B 89 7.14 7.38 -8.41
N LEU B 90 7.42 6.77 -7.26
CA LEU B 90 7.53 7.50 -6.01
C LEU B 90 8.81 7.05 -5.32
N LEU B 91 9.59 8.00 -4.80
CA LEU B 91 10.89 7.68 -4.22
C LEU B 91 10.91 8.00 -2.73
N LEU B 92 11.05 6.95 -1.93
CA LEU B 92 11.28 7.09 -0.50
C LEU B 92 12.77 7.24 -0.28
N ARG B 93 13.17 8.13 0.65
CA ARG B 93 14.57 8.34 0.94
C ARG B 93 14.76 8.51 2.43
N SER B 94 15.65 7.68 3.00
CA SER B 94 16.22 7.86 4.33
C SER B 94 17.73 7.84 4.16
N ALA B 95 18.32 9.05 4.15
CA ALA B 95 19.75 9.23 3.93
C ALA B 95 20.15 8.65 2.57
N SER B 96 20.87 7.52 2.55
CA SER B 96 21.31 6.89 1.32
C SER B 96 20.38 5.76 0.93
N VAL B 97 19.42 5.42 1.80
CA VAL B 97 18.44 4.41 1.45
C VAL B 97 17.45 5.07 0.51
N ALA B 98 17.28 4.46 -0.65
CA ALA B 98 16.49 5.01 -1.73
C ALA B 98 15.61 3.91 -2.33
N PHE B 99 14.34 3.89 -1.92
CA PHE B 99 13.39 2.91 -2.40
C PHE B 99 12.50 3.58 -3.45
N LEU B 100 12.60 3.10 -4.69
CA LEU B 100 11.75 3.55 -5.78
C LEU B 100 10.61 2.56 -5.99
N PHE B 101 9.39 3.09 -6.04
CA PHE B 101 8.21 2.32 -6.37
C PHE B 101 7.65 2.85 -7.69
N THR B 102 7.36 1.95 -8.62
CA THR B 102 6.91 2.37 -9.94
C THR B 102 5.77 1.46 -10.37
N ALA B 103 4.75 2.06 -10.97
CA ALA B 103 3.59 1.32 -11.44
C ALA B 103 3.19 1.85 -12.81
N PRO B 104 2.60 1.01 -13.67
CA PRO B 104 2.16 1.46 -14.98
C PRO B 104 0.87 2.24 -14.81
N TYR B 105 0.62 3.16 -15.74
CA TYR B 105 -0.69 3.81 -15.85
C TYR B 105 -1.60 2.93 -16.72
N GLY B 106 -2.80 3.45 -17.04
CA GLY B 106 -3.80 2.71 -17.78
C GLY B 106 -3.22 1.84 -18.88
N ALA B 116 4.50 8.13 -23.64
CA ALA B 116 5.41 7.90 -24.79
C ALA B 116 6.79 8.48 -24.47
N THR B 117 7.03 9.71 -24.90
CA THR B 117 8.26 10.44 -24.61
C THR B 117 8.28 10.91 -23.16
N THR B 118 7.19 10.66 -22.42
CA THR B 118 6.96 11.27 -21.11
C THR B 118 7.59 10.43 -19.99
N ALA B 119 8.10 9.22 -20.30
CA ALA B 119 8.67 8.34 -19.29
C ALA B 119 10.01 8.88 -18.77
N SER B 120 10.13 8.99 -17.44
CA SER B 120 11.31 9.54 -16.79
C SER B 120 12.41 8.50 -16.70
N ILE B 121 11.97 7.24 -16.58
CA ILE B 121 12.81 6.06 -16.65
C ILE B 121 12.49 5.33 -17.94
N PRO B 122 13.23 5.59 -19.04
CA PRO B 122 12.81 5.13 -20.37
C PRO B 122 13.02 3.65 -20.66
N SER B 123 13.52 2.89 -19.67
CA SER B 123 13.49 1.43 -19.73
C SER B 123 12.08 0.90 -19.48
N PHE B 124 11.31 1.60 -18.66
CA PHE B 124 10.04 1.09 -18.22
C PHE B 124 9.28 0.55 -19.42
N SER B 125 8.84 -0.71 -19.32
CA SER B 125 7.90 -1.31 -20.25
C SER B 125 6.64 -1.73 -19.51
N PRO B 126 5.43 -1.29 -19.93
CA PRO B 126 4.24 -1.48 -19.12
C PRO B 126 3.83 -2.95 -19.06
N GLY B 127 4.04 -3.66 -20.17
CA GLY B 127 3.63 -5.06 -20.23
C GLY B 127 4.47 -5.88 -19.28
N ALA B 128 5.76 -5.55 -19.24
CA ALA B 128 6.71 -6.17 -18.32
C ALA B 128 6.23 -6.02 -16.88
N ALA B 129 5.96 -4.76 -16.48
CA ALA B 129 5.45 -4.45 -15.15
C ALA B 129 4.16 -5.21 -14.90
N ARG B 130 3.26 -5.22 -15.89
CA ARG B 130 2.00 -5.91 -15.68
C ARG B 130 2.30 -7.35 -15.25
N ARG B 131 3.21 -8.00 -15.98
CA ARG B 131 3.55 -9.38 -15.70
C ARG B 131 4.29 -9.48 -14.36
N PHE B 132 5.23 -8.56 -14.13
CA PHE B 132 6.02 -8.60 -12.92
C PHE B 132 5.10 -8.69 -11.70
N ALA B 133 4.25 -7.68 -11.54
CA ALA B 133 3.27 -7.62 -10.46
C ALA B 133 2.45 -8.91 -10.38
N ALA B 134 1.93 -9.31 -11.53
CA ALA B 134 1.09 -10.49 -11.62
C ALA B 134 1.85 -11.74 -11.17
N ASP B 135 3.16 -11.80 -11.42
CA ASP B 135 3.91 -13.02 -11.24
C ASP B 135 4.55 -13.07 -9.85
N HIS B 136 4.80 -11.91 -9.24
CA HIS B 136 5.64 -11.83 -8.04
C HIS B 136 4.92 -11.18 -6.87
N GLY B 137 4.09 -10.18 -7.16
CA GLY B 137 3.41 -9.39 -6.16
C GLY B 137 4.17 -8.10 -5.93
N LEU B 138 4.64 -7.90 -4.71
CA LEU B 138 5.61 -6.86 -4.45
C LEU B 138 7.00 -7.46 -4.54
N ALA B 139 7.80 -7.03 -5.53
CA ALA B 139 9.18 -7.48 -5.54
C ALA B 139 10.12 -6.49 -6.24
N VAL B 140 11.40 -6.60 -5.88
CA VAL B 140 12.45 -5.77 -6.42
C VAL B 140 12.66 -6.18 -7.88
N HIS B 141 12.58 -5.19 -8.77
CA HIS B 141 12.76 -5.40 -10.19
C HIS B 141 14.15 -4.96 -10.61
N ALA B 142 14.66 -3.87 -10.02
CA ALA B 142 15.92 -3.28 -10.45
C ALA B 142 16.82 -3.03 -9.25
N VAL B 143 18.07 -3.48 -9.35
CA VAL B 143 19.09 -3.12 -8.37
C VAL B 143 20.06 -2.19 -9.07
N ALA B 144 20.07 -0.92 -8.65
CA ALA B 144 20.78 0.14 -9.35
C ALA B 144 22.08 0.49 -8.64
N LEU B 145 23.20 0.45 -9.40
CA LEU B 145 24.49 0.98 -8.98
C LEU B 145 24.77 2.33 -9.64
N ARG B 146 25.41 3.21 -8.85
CA ARG B 146 26.00 4.44 -9.35
C ARG B 146 27.32 4.09 -10.02
N VAL B 147 27.52 4.53 -11.26
CA VAL B 147 28.74 4.21 -12.00
C VAL B 147 29.36 5.49 -12.57
N ALA B 148 30.58 5.34 -13.11
CA ALA B 148 31.32 6.45 -13.68
C ALA B 148 30.64 6.91 -14.97
N ASP B 149 30.35 5.98 -15.89
CA ASP B 149 29.79 6.39 -17.17
C ASP B 149 28.48 5.69 -17.57
N ALA B 150 28.24 4.46 -17.12
CA ALA B 150 27.00 3.76 -17.45
C ALA B 150 27.07 3.13 -18.83
N ALA B 151 27.22 3.96 -19.87
CA ALA B 151 27.46 3.45 -21.21
C ALA B 151 28.71 2.57 -21.18
N ASP B 152 29.78 3.05 -20.54
CA ASP B 152 31.02 2.31 -20.42
C ASP B 152 30.78 1.06 -19.59
N ALA B 153 30.12 1.23 -18.44
CA ALA B 153 29.77 0.12 -17.58
C ALA B 153 29.03 -0.96 -18.39
N PHE B 154 28.09 -0.53 -19.23
CA PHE B 154 27.32 -1.43 -20.06
C PHE B 154 28.27 -2.15 -21.01
N ARG B 155 28.97 -1.38 -21.84
CA ARG B 155 29.75 -1.92 -22.95
C ARG B 155 30.77 -2.90 -22.40
N ALA B 156 31.43 -2.53 -21.30
CA ALA B 156 32.37 -3.39 -20.60
C ALA B 156 31.69 -4.69 -20.18
N SER B 157 30.59 -4.54 -19.44
CA SER B 157 29.81 -5.65 -18.92
C SER B 157 29.37 -6.57 -20.04
N VAL B 158 28.74 -5.99 -21.07
CA VAL B 158 28.14 -6.80 -22.12
C VAL B 158 29.27 -7.60 -22.76
N ALA B 159 30.34 -6.89 -23.15
CA ALA B 159 31.52 -7.48 -23.76
C ALA B 159 32.07 -8.64 -22.94
N ALA B 160 31.84 -8.62 -21.61
CA ALA B 160 32.30 -9.66 -20.71
C ALA B 160 31.20 -10.65 -20.29
N GLY B 161 30.07 -10.69 -21.02
CA GLY B 161 29.16 -11.80 -20.89
C GLY B 161 27.71 -11.40 -20.57
N ALA B 162 27.49 -10.15 -20.12
CA ALA B 162 26.18 -9.75 -19.63
C ALA B 162 25.15 -9.82 -20.74
N ARG B 163 23.98 -10.40 -20.40
CA ARG B 163 22.77 -10.33 -21.21
C ARG B 163 22.25 -8.89 -21.17
N PRO B 164 22.10 -8.22 -22.33
CA PRO B 164 21.59 -6.86 -22.34
C PRO B 164 20.12 -6.81 -21.91
N ALA B 165 19.74 -5.66 -21.31
CA ALA B 165 18.36 -5.40 -20.89
C ALA B 165 17.89 -4.06 -21.46
N PHE B 166 18.64 -2.98 -21.22
CA PHE B 166 18.34 -1.69 -21.83
C PHE B 166 19.61 -1.06 -22.41
N GLN B 167 19.56 -0.70 -23.70
CA GLN B 167 20.67 -0.04 -24.34
C GLN B 167 20.81 1.36 -23.76
N PRO B 168 22.06 1.78 -23.44
CA PRO B 168 22.37 3.10 -22.88
C PRO B 168 21.56 4.27 -23.41
N ALA B 169 21.00 5.06 -22.48
CA ALA B 169 20.32 6.29 -22.82
C ALA B 169 21.11 7.48 -22.28
N ASP B 170 20.75 8.68 -22.75
CA ASP B 170 21.10 9.91 -22.06
C ASP B 170 19.82 10.58 -21.57
N LEU B 171 19.66 10.63 -20.24
CA LEU B 171 18.44 11.12 -19.63
C LEU B 171 18.42 12.64 -19.61
N GLY B 172 19.52 13.27 -20.02
CA GLY B 172 19.68 14.71 -19.93
C GLY B 172 20.44 15.08 -18.65
N GLY B 173 20.87 16.34 -18.55
CA GLY B 173 21.52 16.87 -17.35
C GLY B 173 22.76 16.06 -16.98
N GLY B 174 23.38 15.41 -17.98
CA GLY B 174 24.60 14.66 -17.79
C GLY B 174 24.36 13.29 -17.17
N PHE B 175 23.10 12.83 -17.15
CA PHE B 175 22.72 11.56 -16.54
C PHE B 175 22.80 10.43 -17.56
N GLY B 176 23.26 9.26 -17.10
CA GLY B 176 23.34 8.05 -17.90
C GLY B 176 22.61 6.89 -17.25
N LEU B 177 21.84 6.14 -18.04
CA LEU B 177 21.06 5.01 -17.54
C LEU B 177 21.17 3.82 -18.48
N ALA B 178 21.55 2.68 -17.91
CA ALA B 178 21.65 1.44 -18.66
C ALA B 178 21.25 0.29 -17.74
N GLU B 179 20.89 -0.85 -18.32
CA GLU B 179 20.46 -2.00 -17.53
C GLU B 179 20.99 -3.27 -18.18
N VAL B 180 21.39 -4.23 -17.34
CA VAL B 180 21.72 -5.57 -17.79
C VAL B 180 21.00 -6.57 -16.89
N GLU B 181 20.96 -7.85 -17.30
CA GLU B 181 20.22 -8.83 -16.54
C GLU B 181 21.08 -9.29 -15.36
N LEU B 182 20.50 -9.30 -14.16
CA LEU B 182 21.19 -9.77 -12.98
C LEU B 182 20.84 -11.25 -12.80
N TYR B 183 19.71 -11.54 -12.14
CA TYR B 183 19.13 -12.87 -12.12
C TYR B 183 17.62 -12.75 -12.28
N GLY B 184 16.97 -13.80 -12.81
CA GLY B 184 15.52 -13.82 -12.98
C GLY B 184 15.02 -12.66 -13.84
N ASP B 185 14.09 -11.85 -13.32
CA ASP B 185 13.66 -10.65 -14.03
C ASP B 185 14.45 -9.45 -13.57
N VAL B 186 15.28 -9.65 -12.55
CA VAL B 186 15.93 -8.56 -11.84
C VAL B 186 17.02 -8.00 -12.74
N VAL B 187 16.98 -6.68 -12.97
CA VAL B 187 18.03 -6.05 -13.77
C VAL B 187 19.01 -5.44 -12.79
N LEU B 188 20.27 -5.34 -13.22
CA LEU B 188 21.27 -4.47 -12.62
C LEU B 188 21.29 -3.18 -13.41
N ARG B 189 20.92 -2.07 -12.76
CA ARG B 189 20.73 -0.80 -13.43
C ARG B 189 21.95 0.09 -13.17
N PHE B 190 22.59 0.56 -14.24
CA PHE B 190 23.68 1.51 -14.13
C PHE B 190 23.08 2.92 -14.20
N VAL B 191 23.43 3.76 -13.23
CA VAL B 191 23.12 5.17 -13.28
C VAL B 191 24.40 5.98 -13.03
N SER B 192 24.53 7.09 -13.77
CA SER B 192 25.69 7.96 -13.71
C SER B 192 25.24 9.41 -13.80
N HIS B 193 25.68 10.25 -12.85
CA HIS B 193 25.35 11.66 -12.87
C HIS B 193 26.63 12.48 -12.66
N PRO B 194 26.62 13.77 -13.06
CA PRO B 194 27.64 14.72 -12.63
C PRO B 194 27.62 14.86 -11.11
N ASP B 195 28.77 15.13 -10.49
CA ASP B 195 28.92 15.11 -9.04
C ASP B 195 27.85 15.97 -8.36
N GLY B 196 27.75 17.24 -8.75
CA GLY B 196 26.72 18.11 -8.22
C GLY B 196 25.36 17.77 -8.82
N ALA B 197 25.27 17.95 -10.15
CA ALA B 197 24.09 17.68 -10.97
C ALA B 197 22.92 18.54 -10.52
N ASP B 198 21.74 18.28 -11.12
CA ASP B 198 20.51 18.93 -10.71
C ASP B 198 19.59 17.90 -10.04
N ALA B 199 18.72 17.28 -10.84
CA ALA B 199 17.68 16.39 -10.33
C ALA B 199 18.29 15.55 -9.21
N PRO B 200 17.72 15.59 -7.98
CA PRO B 200 18.30 14.87 -6.84
C PRO B 200 18.43 13.37 -7.11
N PHE B 201 17.47 12.84 -7.88
CA PHE B 201 17.38 11.41 -8.13
C PHE B 201 17.76 11.10 -9.57
N LEU B 202 16.81 11.44 -10.49
CA LEU B 202 16.91 11.23 -11.92
C LEU B 202 16.22 12.41 -12.59
N PRO B 203 16.56 12.73 -13.85
CA PRO B 203 15.88 13.79 -14.58
C PRO B 203 14.40 13.48 -14.77
N GLY B 204 13.55 14.48 -14.48
CA GLY B 204 12.10 14.38 -14.64
C GLY B 204 11.36 14.20 -13.31
N PHE B 205 12.13 14.25 -12.21
CA PHE B 205 11.63 13.90 -10.90
C PHE B 205 11.57 15.14 -10.00
N GLU B 206 10.34 15.64 -9.83
CA GLU B 206 10.07 16.67 -8.83
C GLU B 206 10.29 16.13 -7.41
N GLY B 207 11.12 16.84 -6.63
CA GLY B 207 11.38 16.52 -5.24
C GLY B 207 10.15 16.81 -4.37
N VAL B 208 10.22 16.30 -3.13
CA VAL B 208 9.13 16.36 -2.18
C VAL B 208 9.74 16.55 -0.79
N SER B 209 9.09 17.40 0.02
CA SER B 209 9.56 17.70 1.36
C SER B 209 8.36 18.13 2.19
N ASN B 210 7.55 17.15 2.62
CA ASN B 210 6.50 17.40 3.62
C ASN B 210 7.21 17.78 4.92
N PRO B 211 6.82 18.90 5.57
CA PRO B 211 7.41 19.25 6.86
C PRO B 211 6.78 18.28 7.86
N GLY B 212 7.49 17.99 8.95
CA GLY B 212 7.05 16.97 9.89
C GLY B 212 7.42 15.55 9.46
N ALA B 213 8.11 15.42 8.32
CA ALA B 213 8.72 14.15 7.95
C ALA B 213 9.86 13.85 8.92
N VAL B 214 10.14 12.56 9.13
CA VAL B 214 11.19 12.12 10.04
C VAL B 214 11.88 10.92 9.40
N ASP B 215 13.10 10.63 9.87
CA ASP B 215 13.73 9.35 9.60
C ASP B 215 13.77 8.58 10.93
N TYR B 216 14.10 7.29 10.85
CA TYR B 216 14.29 6.46 12.03
C TYR B 216 15.72 5.95 12.06
N GLY B 217 16.61 6.58 11.28
CA GLY B 217 18.04 6.43 11.46
C GLY B 217 18.67 5.55 10.38
N LEU B 218 17.86 4.99 9.48
CA LEU B 218 18.42 4.12 8.44
C LEU B 218 19.38 4.94 7.60
N ARG B 219 20.63 4.47 7.45
CA ARG B 219 21.70 5.27 6.87
C ARG B 219 22.05 4.81 5.45
N ARG B 220 22.01 3.50 5.15
CA ARG B 220 22.47 3.07 3.84
C ARG B 220 22.01 1.64 3.52
N PHE B 221 22.20 1.25 2.25
CA PHE B 221 22.06 -0.15 1.86
C PHE B 221 23.36 -0.89 2.14
N ASP B 222 23.25 -2.01 2.87
CA ASP B 222 24.40 -2.83 3.21
C ASP B 222 24.59 -3.94 2.20
N HIS B 223 23.58 -4.80 2.03
CA HIS B 223 23.66 -5.89 1.09
C HIS B 223 22.29 -6.18 0.48
N VAL B 224 22.30 -6.67 -0.77
CA VAL B 224 21.11 -7.02 -1.54
C VAL B 224 21.24 -8.47 -1.99
N VAL B 225 20.50 -9.36 -1.34
CA VAL B 225 20.68 -10.79 -1.52
C VAL B 225 19.70 -11.32 -2.55
N GLY B 226 20.21 -12.09 -3.53
CA GLY B 226 19.36 -12.78 -4.50
C GLY B 226 19.31 -14.29 -4.24
N ASN B 227 18.12 -14.89 -4.43
CA ASN B 227 17.94 -16.33 -4.37
C ASN B 227 17.85 -16.94 -5.76
N VAL B 228 18.71 -17.91 -6.05
CA VAL B 228 18.71 -18.56 -7.36
C VAL B 228 18.60 -20.07 -7.16
N PRO B 229 18.31 -20.85 -8.24
CA PRO B 229 18.18 -22.30 -8.11
C PRO B 229 19.56 -22.96 -8.00
N GLU B 230 20.51 -22.47 -8.81
CA GLU B 230 21.87 -22.97 -8.87
C GLU B 230 22.82 -21.78 -8.68
N LEU B 231 23.79 -21.94 -7.78
CA LEU B 231 24.68 -20.85 -7.41
C LEU B 231 25.82 -20.72 -8.42
N ALA B 232 26.41 -21.87 -8.79
CA ALA B 232 27.63 -21.89 -9.57
C ALA B 232 27.45 -21.04 -10.82
N PRO B 233 26.45 -21.34 -11.69
CA PRO B 233 26.27 -20.58 -12.93
C PRO B 233 26.03 -19.08 -12.73
N VAL B 234 25.26 -18.72 -11.69
CA VAL B 234 24.85 -17.34 -11.52
C VAL B 234 26.08 -16.54 -11.13
N ALA B 235 26.82 -17.03 -10.13
CA ALA B 235 28.01 -16.34 -9.64
C ALA B 235 29.02 -16.18 -10.77
N ALA B 236 29.27 -17.27 -11.50
CA ALA B 236 30.11 -17.24 -12.68
C ALA B 236 29.76 -16.06 -13.58
N TYR B 237 28.45 -15.86 -13.82
CA TYR B 237 27.97 -14.86 -14.75
C TYR B 237 28.22 -13.46 -14.18
N ILE B 238 27.85 -13.24 -12.91
CA ILE B 238 27.88 -11.92 -12.30
C ILE B 238 29.33 -11.49 -12.12
N SER B 239 30.13 -12.36 -11.49
CA SER B 239 31.57 -12.17 -11.43
C SER B 239 32.13 -11.97 -12.84
N GLY B 240 31.68 -12.80 -13.78
CA GLY B 240 32.11 -12.72 -15.16
C GLY B 240 32.04 -11.31 -15.74
N PHE B 241 30.93 -10.60 -15.50
CA PHE B 241 30.66 -9.37 -16.23
C PHE B 241 30.95 -8.14 -15.37
N THR B 242 31.04 -8.29 -14.04
CA THR B 242 31.27 -7.15 -13.17
C THR B 242 32.72 -7.07 -12.73
N GLY B 243 33.36 -8.23 -12.55
CA GLY B 243 34.68 -8.30 -11.95
C GLY B 243 34.60 -8.20 -10.42
N PHE B 244 33.39 -8.41 -9.89
CA PHE B 244 33.23 -8.50 -8.46
C PHE B 244 33.94 -9.77 -8.01
N HIS B 245 34.50 -9.72 -6.81
CA HIS B 245 35.24 -10.85 -6.25
C HIS B 245 34.42 -11.48 -5.14
N GLU B 246 34.79 -12.70 -4.77
CA GLU B 246 34.18 -13.43 -3.67
C GLU B 246 34.67 -12.84 -2.35
N PHE B 247 33.73 -12.29 -1.56
CA PHE B 247 34.02 -11.78 -0.23
C PHE B 247 34.15 -12.97 0.72
N ALA B 248 33.18 -13.89 0.61
CA ALA B 248 33.10 -15.07 1.46
C ALA B 248 32.12 -16.07 0.82
N GLU B 249 31.97 -17.24 1.43
CA GLU B 249 31.22 -18.35 0.85
C GLU B 249 30.71 -19.27 1.98
N PHE B 250 29.38 -19.34 2.14
CA PHE B 250 28.78 -20.18 3.17
C PHE B 250 28.42 -21.53 2.53
N THR B 251 28.26 -22.56 3.37
CA THR B 251 27.80 -23.88 2.95
C THR B 251 27.22 -24.61 4.16
N GLY B 261 19.40 -24.79 5.93
CA GLY B 261 19.87 -23.52 5.33
C GLY B 261 20.10 -23.63 3.83
N LEU B 262 21.29 -23.19 3.42
CA LEU B 262 21.53 -22.67 2.08
C LEU B 262 23.04 -22.69 1.82
N ASN B 263 23.44 -22.53 0.54
CA ASN B 263 24.83 -22.22 0.18
C ASN B 263 24.86 -20.82 -0.38
N SER B 264 25.81 -20.00 0.09
CA SER B 264 25.81 -18.59 -0.25
C SER B 264 27.19 -18.17 -0.75
N VAL B 265 27.23 -17.14 -1.61
CA VAL B 265 28.46 -16.45 -1.95
C VAL B 265 28.15 -14.95 -1.97
N VAL B 266 29.15 -14.16 -1.59
CA VAL B 266 28.98 -12.72 -1.48
C VAL B 266 29.91 -12.06 -2.49
N LEU B 267 29.35 -11.72 -3.64
CA LEU B 267 30.12 -10.99 -4.62
C LEU B 267 30.20 -9.53 -4.18
N ALA B 268 31.40 -8.94 -4.29
CA ALA B 268 31.62 -7.57 -3.85
C ALA B 268 32.53 -6.82 -4.82
N ASN B 269 32.37 -5.48 -4.84
CA ASN B 269 33.20 -4.56 -5.61
C ASN B 269 34.54 -4.34 -4.92
N ASN B 270 35.37 -3.48 -5.52
CA ASN B 270 36.73 -3.28 -5.06
C ASN B 270 36.74 -2.71 -3.64
N ALA B 271 35.89 -1.69 -3.41
CA ALA B 271 35.82 -1.02 -2.12
C ALA B 271 35.07 -1.85 -1.08
N GLU B 272 34.52 -3.00 -1.47
CA GLU B 272 33.65 -3.80 -0.63
C GLU B 272 32.56 -2.90 -0.01
N THR B 273 32.04 -1.96 -0.80
CA THR B 273 30.95 -1.07 -0.38
C THR B 273 29.63 -1.55 -0.96
N VAL B 274 29.69 -2.20 -2.13
CA VAL B 274 28.54 -2.81 -2.77
C VAL B 274 28.65 -4.32 -2.61
N LEU B 275 27.66 -4.92 -1.95
CA LEU B 275 27.64 -6.34 -1.64
C LEU B 275 26.41 -6.99 -2.26
N LEU B 276 26.66 -7.92 -3.20
CA LEU B 276 25.61 -8.67 -3.87
C LEU B 276 25.70 -10.15 -3.53
N PRO B 277 25.19 -10.58 -2.37
CA PRO B 277 25.09 -12.01 -2.07
C PRO B 277 24.15 -12.82 -2.97
N LEU B 278 24.39 -14.13 -2.97
CA LEU B 278 23.60 -15.08 -3.73
C LEU B 278 23.47 -16.37 -2.92
N ASN B 279 22.23 -16.85 -2.73
CA ASN B 279 22.00 -18.14 -2.10
C ASN B 279 21.50 -19.13 -3.14
N GLU B 280 21.57 -20.41 -2.77
CA GLU B 280 20.91 -21.47 -3.50
C GLU B 280 20.39 -22.49 -2.49
N PRO B 281 19.32 -23.23 -2.79
CA PRO B 281 18.79 -24.24 -1.86
C PRO B 281 19.75 -25.43 -1.87
N VAL B 282 19.78 -26.16 -0.75
CA VAL B 282 20.70 -27.27 -0.59
C VAL B 282 20.10 -28.49 -1.30
N HIS B 283 20.83 -29.00 -2.31
CA HIS B 283 20.40 -30.09 -3.16
C HIS B 283 20.34 -31.37 -2.34
N GLY B 284 19.32 -32.22 -2.59
CA GLY B 284 19.10 -33.42 -1.81
C GLY B 284 18.76 -33.09 -0.36
N THR B 285 18.04 -31.98 -0.15
CA THR B 285 17.68 -31.49 1.17
C THR B 285 16.75 -32.51 1.85
N LYS B 286 16.97 -32.76 3.15
CA LYS B 286 16.14 -33.64 3.95
C LYS B 286 14.85 -32.91 4.35
N ARG B 287 14.99 -31.68 4.86
CA ARG B 287 13.85 -30.83 5.19
C ARG B 287 13.44 -30.05 3.94
N ARG B 288 12.90 -28.84 4.14
CA ARG B 288 12.59 -27.92 3.06
C ARG B 288 13.41 -26.66 3.26
N SER B 289 14.03 -26.16 2.17
CA SER B 289 14.84 -24.96 2.22
C SER B 289 13.97 -23.71 2.07
N GLN B 290 14.27 -22.67 2.85
CA GLN B 290 13.55 -21.39 2.82
C GLN B 290 13.83 -20.69 1.49
N ILE B 291 14.78 -21.23 0.72
CA ILE B 291 15.19 -20.70 -0.57
C ILE B 291 14.33 -21.35 -1.67
N GLN B 292 13.93 -22.61 -1.46
CA GLN B 292 13.10 -23.31 -2.43
C GLN B 292 11.67 -22.78 -2.30
N THR B 293 11.17 -22.72 -1.06
CA THR B 293 9.96 -22.00 -0.72
C THR B 293 9.92 -20.69 -1.52
N TYR B 294 10.88 -19.80 -1.22
CA TYR B 294 11.00 -18.55 -1.95
C TYR B 294 10.81 -18.83 -3.45
N LEU B 295 11.63 -19.71 -4.00
CA LEU B 295 11.69 -19.90 -5.45
C LEU B 295 10.33 -20.35 -5.97
N ASP B 296 9.62 -21.10 -5.13
CA ASP B 296 8.33 -21.67 -5.45
C ASP B 296 7.27 -20.56 -5.48
N HIS B 297 7.08 -19.89 -4.33
CA HIS B 297 6.01 -18.93 -4.17
C HIS B 297 6.25 -17.69 -5.03
N HIS B 298 7.52 -17.40 -5.37
CA HIS B 298 7.89 -16.18 -6.08
C HIS B 298 7.88 -16.42 -7.59
N GLY B 299 8.01 -17.69 -8.00
CA GLY B 299 7.94 -18.06 -9.40
C GLY B 299 9.28 -17.87 -10.09
N GLY B 300 10.37 -17.99 -9.34
CA GLY B 300 11.69 -18.00 -9.93
C GLY B 300 12.69 -17.15 -9.17
N PRO B 301 13.92 -17.01 -9.71
CA PRO B 301 14.94 -16.17 -9.11
C PRO B 301 14.43 -14.75 -8.86
N GLY B 302 14.80 -14.20 -7.69
CA GLY B 302 14.50 -12.83 -7.32
C GLY B 302 15.19 -12.42 -6.01
N VAL B 303 15.16 -11.12 -5.70
CA VAL B 303 15.81 -10.61 -4.52
C VAL B 303 15.10 -11.18 -3.30
N GLN B 304 15.86 -11.80 -2.40
CA GLN B 304 15.26 -12.40 -1.21
C GLN B 304 15.08 -11.36 -0.12
N HIS B 305 16.16 -10.62 0.19
CA HIS B 305 16.10 -9.59 1.21
C HIS B 305 17.12 -8.50 0.91
N ILE B 306 16.93 -7.40 1.64
CA ILE B 306 17.82 -6.26 1.61
C ILE B 306 18.08 -5.89 3.07
N ALA B 307 19.37 -5.72 3.38
CA ALA B 307 19.80 -5.28 4.70
C ALA B 307 20.01 -3.77 4.65
N LEU B 308 19.37 -3.09 5.60
CA LEU B 308 19.42 -1.65 5.74
C LEU B 308 20.18 -1.35 7.02
N ALA B 309 21.32 -0.66 6.91
CA ALA B 309 22.21 -0.43 8.04
C ALA B 309 21.82 0.85 8.76
N SER B 310 22.10 0.86 10.08
CA SER B 310 21.78 1.98 10.94
C SER B 310 22.96 2.19 11.90
N ASP B 311 23.17 3.46 12.28
CA ASP B 311 24.20 3.79 13.24
C ASP B 311 23.68 3.56 14.66
N ASP B 312 22.36 3.58 14.84
CA ASP B 312 21.76 3.04 16.06
C ASP B 312 20.54 2.19 15.70
N VAL B 313 20.80 0.90 15.47
CA VAL B 313 19.80 -0.06 15.03
C VAL B 313 18.71 -0.24 16.09
N LEU B 314 19.07 0.00 17.36
CA LEU B 314 18.20 -0.24 18.49
C LEU B 314 17.21 0.90 18.67
N GLY B 315 17.66 2.13 18.41
CA GLY B 315 16.76 3.27 18.41
C GLY B 315 15.83 3.18 17.21
N THR B 316 16.43 2.83 16.07
CA THR B 316 15.73 2.64 14.80
C THR B 316 14.60 1.65 14.99
N LEU B 317 14.93 0.57 15.69
CA LEU B 317 14.02 -0.55 15.83
C LEU B 317 12.82 -0.10 16.66
N ARG B 318 13.09 0.59 17.77
CA ARG B 318 12.03 1.14 18.61
C ARG B 318 10.97 1.86 17.77
N GLU B 319 11.44 2.73 16.86
CA GLU B 319 10.55 3.49 16.01
C GLU B 319 9.78 2.55 15.09
N MET B 320 10.49 1.59 14.48
CA MET B 320 9.86 0.71 13.51
C MET B 320 8.79 -0.15 14.17
N ARG B 321 9.01 -0.53 15.44
CA ARG B 321 8.17 -1.49 16.11
C ARG B 321 6.87 -0.86 16.60
N ALA B 322 6.88 0.47 16.80
CA ALA B 322 5.69 1.18 17.24
C ALA B 322 4.68 1.29 16.10
N ARG B 323 5.16 1.23 14.85
CA ARG B 323 4.29 1.32 13.70
C ARG B 323 3.68 -0.04 13.34
N SER B 324 4.16 -1.13 13.95
CA SER B 324 3.76 -2.48 13.58
C SER B 324 2.26 -2.65 13.68
N ALA B 325 1.70 -2.12 14.77
CA ALA B 325 0.32 -2.38 15.17
C ALA B 325 -0.69 -1.67 14.26
N MET B 326 -0.23 -0.66 13.51
CA MET B 326 -1.11 0.17 12.70
C MET B 326 -0.70 0.11 11.22
N GLY B 327 0.11 -0.91 10.86
CA GLY B 327 0.26 -1.27 9.46
C GLY B 327 1.70 -1.38 9.01
N GLY B 328 2.64 -1.09 9.92
CA GLY B 328 4.06 -1.13 9.58
C GLY B 328 4.55 -2.57 9.46
N PHE B 329 5.87 -2.75 9.51
CA PHE B 329 6.42 -4.08 9.40
C PHE B 329 6.33 -4.74 10.76
N GLU B 330 6.15 -6.05 10.74
CA GLU B 330 6.26 -6.84 11.96
C GLU B 330 7.54 -7.65 11.84
N PHE B 331 8.19 -7.87 12.99
CA PHE B 331 9.46 -8.58 13.01
C PHE B 331 9.23 -9.98 13.55
N LEU B 332 10.21 -10.86 13.25
CA LEU B 332 10.11 -12.27 13.59
C LEU B 332 9.96 -12.40 15.09
N ALA B 333 9.60 -13.60 15.53
CA ALA B 333 9.50 -13.86 16.95
C ALA B 333 10.87 -13.67 17.62
N PRO B 334 10.90 -13.13 18.85
CA PRO B 334 12.16 -13.01 19.60
C PRO B 334 12.72 -14.39 19.95
N PRO B 335 14.06 -14.53 20.05
CA PRO B 335 14.65 -15.82 20.36
C PRO B 335 14.40 -16.13 21.82
N PRO B 336 14.58 -17.41 22.23
CA PRO B 336 14.42 -17.82 23.63
C PRO B 336 15.48 -17.22 24.55
N PRO B 337 15.24 -17.20 25.88
CA PRO B 337 16.19 -16.66 26.84
C PRO B 337 17.61 -17.20 26.75
N ASN B 338 17.75 -18.50 26.47
CA ASN B 338 19.07 -19.12 26.35
C ASN B 338 19.93 -18.35 25.37
N TYR B 339 19.40 -18.10 24.18
CA TYR B 339 20.11 -17.38 23.14
C TYR B 339 20.94 -16.24 23.73
N TYR B 340 20.34 -15.45 24.64
CA TYR B 340 20.94 -14.21 25.11
C TYR B 340 22.00 -14.50 26.17
N ASP B 341 21.79 -15.51 27.02
CA ASP B 341 22.81 -15.99 27.93
C ASP B 341 24.03 -16.44 27.13
N GLY B 342 23.76 -16.96 25.93
CA GLY B 342 24.79 -17.35 24.99
C GLY B 342 25.58 -16.16 24.44
N VAL B 343 24.91 -15.02 24.19
CA VAL B 343 25.59 -13.85 23.63
C VAL B 343 26.28 -13.15 24.78
N ARG B 344 25.73 -13.31 25.99
CA ARG B 344 26.35 -12.80 27.20
C ARG B 344 27.65 -13.54 27.48
N ARG B 345 27.95 -14.58 26.70
CA ARG B 345 29.19 -15.32 26.86
C ARG B 345 30.11 -14.94 25.71
N ARG B 346 29.64 -15.16 24.47
CA ARG B 346 30.46 -14.99 23.28
C ARG B 346 30.76 -13.51 23.03
N ALA B 347 29.97 -12.59 23.61
CA ALA B 347 30.07 -11.18 23.26
C ALA B 347 29.90 -10.28 24.48
N GLY B 348 30.24 -10.79 25.68
CA GLY B 348 30.17 -9.99 26.88
C GLY B 348 31.27 -8.93 26.92
N ASP B 349 32.38 -9.21 26.23
CA ASP B 349 33.56 -8.36 26.26
C ASP B 349 33.36 -7.08 25.45
N VAL B 350 32.51 -7.13 24.42
CA VAL B 350 32.33 -5.98 23.53
C VAL B 350 31.02 -5.27 23.84
N LEU B 351 30.02 -5.99 24.39
CA LEU B 351 28.73 -5.37 24.68
C LEU B 351 28.50 -5.32 26.19
N SER B 352 27.98 -4.18 26.66
CA SER B 352 27.62 -3.99 28.05
C SER B 352 26.50 -4.96 28.42
N GLU B 353 26.26 -5.11 29.72
CA GLU B 353 25.16 -5.94 30.20
C GLU B 353 23.86 -5.19 29.91
N GLU B 354 23.90 -3.84 29.89
CA GLU B 354 22.72 -3.06 29.58
C GLU B 354 22.35 -3.11 28.11
N GLN B 355 23.33 -3.26 27.22
CA GLN B 355 23.10 -3.30 25.77
C GLN B 355 22.44 -4.62 25.34
N ILE B 356 22.93 -5.72 25.89
CA ILE B 356 22.42 -7.03 25.54
C ILE B 356 20.96 -7.15 25.99
N ASN B 357 20.61 -6.46 27.09
CA ASN B 357 19.25 -6.49 27.62
C ASN B 357 18.26 -5.76 26.73
N GLU B 358 18.74 -4.77 25.94
CA GLU B 358 17.92 -4.08 24.96
C GLU B 358 17.77 -4.96 23.72
N CYS B 359 18.87 -5.61 23.31
CA CYS B 359 18.82 -6.60 22.25
C CYS B 359 17.76 -7.65 22.59
N GLN B 360 17.68 -8.05 23.86
CA GLN B 360 16.71 -9.05 24.30
C GLN B 360 15.30 -8.48 24.16
N GLU B 361 15.05 -7.35 24.83
CA GLU B 361 13.80 -6.65 24.68
C GLU B 361 13.29 -6.70 23.24
N LEU B 362 14.17 -6.47 22.26
CA LEU B 362 13.77 -6.12 20.91
C LEU B 362 13.93 -7.29 19.94
N GLY B 363 14.55 -8.38 20.40
CA GLY B 363 14.73 -9.56 19.58
C GLY B 363 15.90 -9.43 18.61
N VAL B 364 16.84 -8.53 18.91
CA VAL B 364 18.02 -8.39 18.07
C VAL B 364 18.92 -9.62 18.26
N LEU B 365 19.49 -10.06 17.16
CA LEU B 365 20.45 -11.14 17.18
C LEU B 365 21.84 -10.50 17.09
N VAL B 366 22.85 -11.25 17.53
CA VAL B 366 24.22 -10.77 17.53
C VAL B 366 25.12 -11.80 16.87
N ASP B 367 26.22 -11.35 16.25
CA ASP B 367 27.26 -12.23 15.72
C ASP B 367 28.55 -11.42 15.59
N ARG B 368 29.67 -12.14 15.41
CA ARG B 368 30.99 -11.52 15.42
C ARG B 368 31.81 -12.14 14.30
N ASP B 369 32.81 -11.40 13.81
CA ASP B 369 33.81 -11.92 12.88
C ASP B 369 35.17 -11.71 13.51
N ASP B 370 36.25 -11.85 12.72
CA ASP B 370 37.61 -11.66 13.21
C ASP B 370 37.64 -10.55 14.24
N GLN B 371 37.16 -9.35 13.85
CA GLN B 371 37.27 -8.14 14.66
C GLN B 371 36.10 -7.22 14.32
N GLY B 372 34.93 -7.49 14.88
CA GLY B 372 33.76 -6.65 14.65
C GLY B 372 32.46 -7.35 15.03
N VAL B 373 31.44 -6.56 15.35
CA VAL B 373 30.19 -7.10 15.87
C VAL B 373 29.05 -6.78 14.93
N LEU B 374 28.09 -7.71 14.85
CA LEU B 374 26.90 -7.54 14.01
C LEU B 374 25.64 -7.56 14.87
N LEU B 375 24.89 -6.45 14.85
CA LEU B 375 23.50 -6.51 15.26
C LEU B 375 22.62 -6.77 14.03
N GLN B 376 21.50 -7.46 14.24
CA GLN B 376 20.66 -7.99 13.17
C GLN B 376 19.23 -8.15 13.66
N ILE B 377 18.26 -7.95 12.76
CA ILE B 377 16.86 -8.26 13.02
C ILE B 377 16.18 -8.37 11.66
N PHE B 378 15.42 -9.44 11.44
CA PHE B 378 14.73 -9.64 10.17
C PHE B 378 13.25 -9.30 10.31
N THR B 379 12.65 -8.85 9.20
CA THR B 379 11.22 -8.60 9.15
C THR B 379 10.51 -9.83 8.58
N LYS B 380 9.24 -9.97 8.94
CA LYS B 380 8.40 -10.97 8.31
C LYS B 380 8.23 -10.61 6.84
N PRO B 381 7.90 -11.59 5.99
CA PRO B 381 7.60 -11.29 4.60
C PRO B 381 6.89 -9.96 4.54
N VAL B 382 7.43 -9.04 3.76
CA VAL B 382 6.88 -7.70 3.61
C VAL B 382 5.69 -7.69 2.65
N GLY B 383 5.58 -8.71 1.78
CA GLY B 383 4.46 -8.84 0.83
C GLY B 383 3.37 -9.80 1.32
N ASP B 384 2.48 -10.21 0.42
CA ASP B 384 1.51 -11.25 0.71
C ASP B 384 2.15 -12.63 0.64
N ARG B 385 3.13 -12.75 -0.26
CA ARG B 385 3.81 -14.00 -0.50
C ARG B 385 4.90 -14.13 0.56
N PRO B 386 5.23 -15.33 1.07
CA PRO B 386 6.44 -15.53 1.89
C PRO B 386 7.75 -15.53 1.11
N THR B 387 8.06 -14.36 0.52
CA THR B 387 9.20 -14.17 -0.34
C THR B 387 10.11 -13.10 0.25
N PHE B 388 9.81 -11.83 -0.04
CA PHE B 388 10.70 -10.71 0.26
C PHE B 388 10.62 -10.32 1.73
N PHE B 389 11.78 -10.03 2.32
CA PHE B 389 11.86 -9.51 3.67
C PHE B 389 13.07 -8.59 3.73
N LEU B 390 13.29 -7.98 4.89
CA LEU B 390 14.20 -6.88 5.02
C LEU B 390 14.98 -7.05 6.31
N GLU B 391 16.24 -6.61 6.30
CA GLU B 391 17.14 -6.83 7.43
C GLU B 391 17.52 -5.45 7.94
N MET B 392 17.37 -5.23 9.26
CA MET B 392 17.89 -4.04 9.93
C MET B 392 19.13 -4.43 10.74
N ILE B 393 20.26 -3.78 10.46
CA ILE B 393 21.54 -4.22 10.98
C ILE B 393 22.38 -3.00 11.37
N GLN B 394 23.22 -3.19 12.40
CA GLN B 394 24.25 -2.23 12.72
C GLN B 394 25.58 -2.94 12.77
N ARG B 395 26.63 -2.25 12.29
CA ARG B 395 27.95 -2.84 12.21
C ARG B 395 28.86 -2.07 13.16
N ILE B 396 29.43 -2.79 14.13
CA ILE B 396 30.23 -2.16 15.17
C ILE B 396 31.69 -2.63 15.05
N GLY B 397 32.60 -1.68 14.88
CA GLY B 397 34.02 -1.92 14.97
C GLY B 397 34.71 -1.70 13.62
N CYS B 398 35.78 -2.49 13.40
CA CYS B 398 36.52 -2.58 12.15
C CYS B 398 36.72 -1.22 11.49
N MET B 399 36.94 -0.15 12.27
CA MET B 399 37.24 1.14 11.68
C MET B 399 38.76 1.29 11.61
N GLU B 400 39.35 0.67 10.56
CA GLU B 400 40.79 0.47 10.43
C GLU B 400 41.39 1.58 9.57
N LYS B 401 42.71 1.78 9.71
CA LYS B 401 43.42 2.93 9.15
C LYS B 401 43.93 2.63 7.74
N ASP B 402 44.31 3.69 7.00
CA ASP B 402 44.93 3.58 5.68
C ASP B 402 46.42 3.90 5.83
N GLU B 403 47.05 4.45 4.79
CA GLU B 403 48.48 4.78 4.83
C GLU B 403 48.71 6.30 4.84
N SER B 404 47.64 7.11 4.99
CA SER B 404 47.77 8.54 5.24
C SER B 404 47.23 8.89 6.64
N GLY B 405 46.65 7.92 7.35
CA GLY B 405 46.08 8.11 8.68
C GLY B 405 44.57 7.83 8.72
N GLN B 406 43.87 8.16 7.62
CA GLN B 406 42.42 8.21 7.55
C GLN B 406 41.80 6.81 7.71
N GLU B 407 41.28 6.55 8.92
CA GLU B 407 40.53 5.35 9.21
C GLU B 407 39.18 5.38 8.50
N TYR B 408 38.67 4.19 8.13
CA TYR B 408 37.37 4.03 7.48
C TYR B 408 36.61 2.89 8.17
N GLN B 409 35.29 2.80 7.93
CA GLN B 409 34.51 1.63 8.33
C GLN B 409 34.59 0.57 7.22
N LYS B 410 35.17 -0.59 7.56
CA LYS B 410 35.32 -1.70 6.62
C LYS B 410 33.98 -2.42 6.43
N GLY B 411 33.70 -2.81 5.18
CA GLY B 411 32.45 -3.46 4.85
C GLY B 411 32.48 -4.92 5.26
N GLY B 412 31.32 -5.40 5.76
CA GLY B 412 31.17 -6.78 6.20
C GLY B 412 31.41 -6.92 7.70
N CYS B 413 31.78 -5.79 8.35
CA CYS B 413 32.20 -5.80 9.73
C CYS B 413 31.16 -6.52 10.57
N GLY B 414 31.50 -7.74 11.01
CA GLY B 414 30.64 -8.56 11.83
C GLY B 414 30.05 -9.74 11.04
N GLY B 415 30.51 -9.91 9.79
CA GLY B 415 29.95 -10.90 8.88
C GLY B 415 28.47 -10.60 8.61
N PHE B 416 27.71 -11.66 8.30
CA PHE B 416 26.33 -11.52 7.86
C PHE B 416 25.36 -12.22 8.81
N GLY B 417 25.86 -12.74 9.94
CA GLY B 417 25.03 -13.35 10.97
C GLY B 417 24.82 -14.84 10.75
N LYS B 418 25.57 -15.43 9.82
CA LYS B 418 25.43 -16.82 9.43
C LYS B 418 25.37 -17.72 10.65
N GLY B 419 26.29 -17.50 11.60
CA GLY B 419 26.38 -18.33 12.80
C GLY B 419 25.03 -18.45 13.51
N ASN B 420 24.31 -17.32 13.61
CA ASN B 420 23.03 -17.24 14.32
C ASN B 420 22.01 -18.27 13.86
N PHE B 421 22.12 -18.73 12.60
CA PHE B 421 21.24 -19.77 12.10
C PHE B 421 21.25 -20.92 13.11
N SER B 422 22.46 -21.44 13.38
CA SER B 422 22.61 -22.61 14.24
C SER B 422 22.29 -22.27 15.68
N GLU B 423 22.76 -21.10 16.15
CA GLU B 423 22.58 -20.71 17.54
C GLU B 423 21.10 -20.55 17.86
N LEU B 424 20.31 -20.17 16.84
CA LEU B 424 18.88 -20.02 16.97
C LEU B 424 18.26 -21.40 17.21
N PHE B 425 18.58 -22.33 16.30
CA PHE B 425 18.00 -23.66 16.31
C PHE B 425 18.32 -24.37 17.63
N LYS B 426 19.58 -24.24 18.09
CA LYS B 426 20.07 -24.91 19.28
C LYS B 426 19.43 -24.32 20.54
N SER B 427 19.26 -22.99 20.59
CA SER B 427 18.63 -22.39 21.75
C SER B 427 17.14 -22.75 21.78
N ILE B 428 16.51 -22.95 20.60
CA ILE B 428 15.11 -23.30 20.50
C ILE B 428 14.89 -24.68 21.08
N GLU B 429 15.69 -25.65 20.62
CA GLU B 429 15.66 -27.01 21.12
C GLU B 429 15.80 -26.98 22.64
N GLU B 430 16.95 -26.47 23.11
CA GLU B 430 17.26 -26.43 24.53
C GLU B 430 16.05 -25.92 25.30
N TYR B 431 15.49 -24.76 24.89
CA TYR B 431 14.46 -24.07 25.65
C TYR B 431 13.18 -24.92 25.73
N GLU B 432 12.95 -25.75 24.71
CA GLU B 432 11.76 -26.59 24.69
C GLU B 432 11.90 -27.76 25.67
N LYS B 433 13.14 -28.24 25.89
CA LYS B 433 13.38 -29.34 26.80
C LYS B 433 13.08 -28.91 28.24
N SER B 434 13.58 -27.73 28.63
CA SER B 434 13.47 -27.24 30.00
C SER B 434 12.04 -26.82 30.33
N LEU B 435 11.13 -26.92 29.34
CA LEU B 435 9.70 -26.74 29.54
C LEU B 435 8.99 -28.09 29.48
N GLU B 436 9.65 -29.15 30.00
CA GLU B 436 9.27 -30.54 29.78
C GLU B 436 8.86 -30.72 28.31
#